data_9CTG
#
_entry.id   9CTG
#
_cell.length_a   1.00
_cell.length_b   1.00
_cell.length_c   1.00
_cell.angle_alpha   90.00
_cell.angle_beta   90.00
_cell.angle_gamma   90.00
#
_symmetry.space_group_name_H-M   'P 1'
#
loop_
_entity.id
_entity.type
_entity.pdbx_description
1 polymer 'ATP-dependent translocase ABCB1'
2 non-polymer 'UNKNOWN BRANCHED FRAGMENT OF PHOSPHOLIPID'
3 non-polymer 'MAGNESIUM ION'
4 non-polymer 'PHOSPHOTHIOPHOSPHORIC ACID-ADENYLATE ESTER'
#
_entity_poly.entity_id   1
_entity_poly.type   'polypeptide(L)'
_entity_poly.pdbx_seq_one_letter_code
;MDLEGDRNGGAKKKNFFKLNNKSEKDKKEKKPTVSVFSMFRYSNWLDKLYMVVGTLAAIIHGAGLPLMMLVFGEMTDIFA
NAGNLEDLMSNITNRSDINDTGFFMNLEEDMTRYAYYYSGIGAGVLVAAYIQVSFWCLAAGRQIHKIRKQFFHAIMRQEI
GWFDVHDVGELNTRLTDDVSKINEGIGDKIGMFFQSMATFFTGFIVGFTRGWKLTLVILAISPVLGLSAAVWAKILSSFT
DKELLAYAKAGAVAEEVLAAIRTVIAFGGQKKELERYNKNLEEAKRIGIKKAITANISIGAAFLLIYASYALAFWYGTTL
VLSGEYSIGQVLTVFFSVLIGAFSVGQASPSIEAFANARGAAYEIFKIIDNKPSIDSYSKSGHKPDNIKGNLEFRNVHFS
YPSRKEVKILKGLNLKVQSGQTVALVGNSGCGKSTTVQLMQRLYDPTEGMVSVDGQDIRTINVRFLREIIGVVSQEPVLF
ATTIAENIRYGRENVTMDEIEKAVKEANAYDFIMKLPHKFDTLVGERGAQLSGGQKQRIAIARALVRNPKILLLDEATSA
LDTESEAVVQVALDKARKGRTTIVIAHRLSTVRNADVIAGFDDGVIVEKGNHDELMKEKGIYFKLVTMQTAGNEVELENA
ADESKSEIDALEMSSNDSRSSLIRKRSTRRSVRGSQAQDRKLSTKEALDESIPPVSFWRIMKLNLTEWPYFVVGVFCAII
NGGLQPAFAIIFSKIIGVFTRIDDPETKRQNSNLFSLLFLALGIISFITFFLQGFTFGKAGEILTKRLRYMVFRSMLRQD
VSWFDDPKNTTGALTTRLANDAAQVKGAIGSRLAVITQNIANLGTGIIISFIYGWQLTLLLLAIVPIIAIAGVVEMKMLS
GQALKDKKELEGSGKIATEAIENFRTVVSLTQEQKFEHMYAQSLQVPYRNSLRKAHIFGITFSFTQAMMYFSYAGCFRFG
AYLVAHKLMSFEDVLLVFSAVVFGAMAVGQVSSFAPDYAKAKISAAHIIMIIEKTPLIDSYSTEGLMPNTLEGNVTFGEV
VFNYPTRPDIPVLQGLSLEVKKGQTLALVGSSGCGKSTVVQLLERFYDPLAGKVLLDGKEIKRLNVQWLRAHLGIVSQEP
ILFDCSIAENIAYGDNSRVVSQEEIVRAAKEANIHAFIESLPNKYSTKVGDKGTQLSGGQKQRIAIARALVRQPHILLLD
EATSALDTESEKVVQEALDKAREGRTCIVIAHRLSTIQNADLIVVFQNGRVKEHGTHQQLLAQKGIYFSMVSVQAGTKRQ
;
_entity_poly.pdbx_strand_id   A
#
# COMPACT_ATOMS: atom_id res chain seq x y z
N SER A 35 6.42 25.87 1.32
CA SER A 35 5.77 25.31 0.14
C SER A 35 6.77 24.48 -0.66
N VAL A 36 7.64 25.17 -1.38
CA VAL A 36 8.66 24.49 -2.17
C VAL A 36 9.83 24.14 -1.27
N PHE A 37 10.59 23.12 -1.64
CA PHE A 37 11.67 22.57 -0.81
C PHE A 37 11.17 22.16 0.57
N SER A 38 9.92 21.74 0.65
CA SER A 38 9.34 21.29 1.91
C SER A 38 9.72 19.85 2.24
N MET A 39 10.33 19.12 1.32
CA MET A 39 10.73 17.74 1.55
C MET A 39 12.10 17.63 2.22
N PHE A 40 12.84 18.73 2.34
CA PHE A 40 14.14 18.73 2.99
C PHE A 40 14.08 19.23 4.43
N ARG A 41 12.87 19.39 4.97
CA ARG A 41 12.71 19.99 6.29
C ARG A 41 13.07 19.03 7.44
N TYR A 42 13.63 17.86 7.17
CA TYR A 42 14.14 17.01 8.24
C TYR A 42 15.63 16.75 8.05
N SER A 43 16.39 17.79 7.73
CA SER A 43 17.82 17.68 7.49
C SER A 43 18.59 18.28 8.67
N ASN A 44 19.50 17.50 9.23
CA ASN A 44 20.33 17.94 10.34
C ASN A 44 21.52 18.73 9.81
N TRP A 45 22.49 19.01 10.69
CA TRP A 45 23.75 19.57 10.23
C TRP A 45 24.51 18.56 9.37
N LEU A 46 24.46 17.28 9.74
CA LEU A 46 25.20 16.25 9.01
C LEU A 46 24.67 16.08 7.60
N ASP A 47 23.35 16.06 7.42
CA ASP A 47 22.79 15.92 6.08
C ASP A 47 23.12 17.13 5.21
N LYS A 48 23.06 18.33 5.79
CA LYS A 48 23.43 19.52 5.03
C LYS A 48 24.91 19.49 4.64
N LEU A 49 25.77 19.03 5.55
CA LEU A 49 27.18 18.87 5.21
C LEU A 49 27.36 17.87 4.07
N TYR A 50 26.65 16.75 4.15
CA TYR A 50 26.69 15.75 3.09
C TYR A 50 26.30 16.37 1.75
N MET A 51 25.19 17.11 1.73
CA MET A 51 24.74 17.70 0.47
C MET A 51 25.73 18.73 -0.06
N VAL A 52 26.32 19.54 0.82
CA VAL A 52 27.25 20.57 0.37
C VAL A 52 28.51 19.93 -0.23
N VAL A 53 29.10 18.97 0.49
CA VAL A 53 30.31 18.34 0.00
C VAL A 53 30.01 17.53 -1.26
N GLY A 54 28.82 16.93 -1.35
CA GLY A 54 28.46 16.21 -2.55
C GLY A 54 28.29 17.13 -3.75
N THR A 55 27.70 18.30 -3.54
CA THR A 55 27.59 19.26 -4.63
C THR A 55 28.97 19.72 -5.10
N LEU A 56 29.88 19.99 -4.16
CA LEU A 56 31.22 20.39 -4.54
C LEU A 56 31.92 19.29 -5.33
N ALA A 57 31.82 18.04 -4.87
CA ALA A 57 32.44 16.93 -5.57
C ALA A 57 31.83 16.75 -6.95
N ALA A 58 30.51 16.93 -7.07
CA ALA A 58 29.86 16.84 -8.37
C ALA A 58 30.38 17.90 -9.32
N ILE A 59 30.55 19.14 -8.83
CA ILE A 59 31.10 20.20 -9.66
C ILE A 59 32.49 19.83 -10.13
N ILE A 60 33.34 19.35 -9.22
CA ILE A 60 34.72 19.01 -9.57
C ILE A 60 34.74 17.88 -10.60
N HIS A 61 33.91 16.86 -10.40
CA HIS A 61 33.87 15.73 -11.32
C HIS A 61 33.31 16.11 -12.69
N GLY A 62 32.33 17.01 -12.74
CA GLY A 62 31.78 17.43 -14.01
C GLY A 62 32.68 18.40 -14.76
N ALA A 63 33.58 19.07 -14.05
CA ALA A 63 34.52 19.97 -14.69
C ALA A 63 35.68 19.23 -15.36
N GLY A 64 35.56 17.92 -15.56
CA GLY A 64 36.69 17.17 -16.11
C GLY A 64 36.71 17.13 -17.63
N LEU A 65 35.60 16.74 -18.25
CA LEU A 65 35.55 16.54 -19.69
C LEU A 65 35.85 17.80 -20.49
N PRO A 66 35.27 18.97 -20.18
CA PRO A 66 35.57 20.17 -20.99
C PRO A 66 37.03 20.57 -20.93
N LEU A 67 37.78 20.18 -19.90
CA LEU A 67 39.19 20.52 -19.83
C LEU A 67 40.05 19.70 -20.77
N MET A 68 39.53 18.60 -21.30
CA MET A 68 40.29 17.78 -22.24
C MET A 68 40.26 18.31 -23.66
N MET A 69 39.37 19.24 -23.96
CA MET A 69 39.25 19.79 -25.31
C MET A 69 40.26 20.88 -25.61
N LEU A 70 40.91 21.45 -24.58
CA LEU A 70 41.90 22.49 -24.82
C LEU A 70 43.09 21.95 -25.62
N VAL A 71 43.64 20.82 -25.18
CA VAL A 71 44.76 20.21 -25.89
C VAL A 71 44.32 19.68 -27.25
N PHE A 72 43.08 19.19 -27.33
CA PHE A 72 42.49 18.81 -28.61
C PHE A 72 42.57 19.96 -29.61
N GLY A 73 42.08 21.13 -29.22
CA GLY A 73 42.10 22.27 -30.12
C GLY A 73 43.50 22.79 -30.40
N GLU A 74 44.38 22.73 -29.39
CA GLU A 74 45.76 23.15 -29.62
C GLU A 74 46.45 22.28 -30.66
N MET A 75 46.27 20.96 -30.56
CA MET A 75 46.83 20.06 -31.55
C MET A 75 46.21 20.29 -32.92
N THR A 76 44.89 20.52 -32.96
CA THR A 76 44.22 20.78 -34.24
C THR A 76 44.77 22.03 -34.90
N ASP A 77 44.98 23.10 -34.12
CA ASP A 77 45.52 24.33 -34.68
C ASP A 77 46.97 24.15 -35.13
N ILE A 78 47.77 23.42 -34.35
CA ILE A 78 49.16 23.19 -34.71
C ILE A 78 49.29 22.33 -35.95
N PHE A 79 48.33 21.44 -36.19
CA PHE A 79 48.38 20.56 -37.35
C PHE A 79 48.17 21.29 -38.66
N ALA A 80 47.57 22.47 -38.64
CA ALA A 80 47.30 23.22 -39.86
C ALA A 80 48.56 23.92 -40.36
N MET A 105 59.13 15.74 -33.95
CA MET A 105 59.94 16.14 -32.81
C MET A 105 59.09 16.86 -31.77
N ASN A 106 57.91 17.29 -32.17
CA ASN A 106 57.00 18.01 -31.28
C ASN A 106 55.86 17.14 -30.78
N LEU A 107 55.40 16.19 -31.60
CA LEU A 107 54.28 15.34 -31.19
C LEU A 107 54.66 14.47 -30.01
N GLU A 108 55.85 13.86 -30.05
CA GLU A 108 56.31 13.06 -28.93
C GLU A 108 56.64 13.92 -27.70
N GLU A 109 56.67 15.24 -27.86
CA GLU A 109 56.89 16.13 -26.73
C GLU A 109 55.59 16.68 -26.16
N ASP A 110 54.52 16.71 -26.95
CA ASP A 110 53.25 17.27 -26.51
C ASP A 110 52.25 16.20 -26.08
N MET A 111 52.12 15.12 -26.86
CA MET A 111 51.13 14.10 -26.53
C MET A 111 51.48 13.36 -25.24
N THR A 112 52.76 13.25 -24.91
CA THR A 112 53.13 12.61 -23.65
C THR A 112 52.68 13.43 -22.44
N ARG A 113 52.86 14.75 -22.47
CA ARG A 113 52.39 15.56 -21.36
C ARG A 113 50.88 15.66 -21.34
N TYR A 114 50.24 15.59 -22.51
CA TYR A 114 48.78 15.47 -22.52
C TYR A 114 48.33 14.17 -21.85
N ALA A 115 49.04 13.07 -22.10
CA ALA A 115 48.71 11.81 -21.44
C ALA A 115 48.94 11.91 -19.93
N TYR A 116 49.99 12.62 -19.51
CA TYR A 116 50.22 12.84 -18.08
C TYR A 116 49.04 13.57 -17.45
N TYR A 117 48.57 14.64 -18.11
CA TYR A 117 47.43 15.38 -17.59
C TYR A 117 46.19 14.51 -17.53
N TYR A 118 45.96 13.68 -18.55
CA TYR A 118 44.82 12.79 -18.55
C TYR A 118 44.90 11.79 -17.41
N SER A 119 46.08 11.24 -17.16
CA SER A 119 46.24 10.29 -16.07
C SER A 119 45.96 10.93 -14.72
N GLY A 120 46.40 12.17 -14.53
CA GLY A 120 46.06 12.87 -13.29
C GLY A 120 44.57 13.12 -13.14
N ILE A 121 43.92 13.58 -14.22
CA ILE A 121 42.48 13.81 -14.21
C ILE A 121 41.75 12.50 -13.91
N GLY A 122 42.31 11.36 -14.32
CA GLY A 122 41.68 10.09 -14.03
C GLY A 122 41.54 9.84 -12.53
N ALA A 123 42.62 10.05 -11.78
CA ALA A 123 42.55 9.86 -10.33
C ALA A 123 41.66 10.90 -9.68
N GLY A 124 41.73 12.15 -10.17
CA GLY A 124 40.83 13.16 -9.65
C GLY A 124 39.37 12.77 -9.77
N VAL A 125 39.00 12.24 -10.94
CA VAL A 125 37.63 11.75 -11.15
C VAL A 125 37.36 10.54 -10.26
N LEU A 126 38.34 9.65 -10.13
CA LEU A 126 38.16 8.47 -9.28
C LEU A 126 37.74 8.83 -7.88
N VAL A 127 38.30 9.90 -7.33
CA VAL A 127 37.90 10.35 -5.99
C VAL A 127 36.58 11.12 -6.03
N ALA A 128 36.46 12.06 -6.98
CA ALA A 128 35.33 12.98 -6.98
C ALA A 128 34.02 12.26 -7.21
N ALA A 129 33.99 11.26 -8.09
CA ALA A 129 32.75 10.57 -8.38
C ALA A 129 32.22 9.84 -7.16
N TYR A 130 33.11 9.17 -6.41
CA TYR A 130 32.68 8.49 -5.19
C TYR A 130 32.15 9.50 -4.18
N ILE A 131 32.88 10.60 -3.98
CA ILE A 131 32.44 11.59 -3.01
C ILE A 131 31.10 12.18 -3.41
N GLN A 132 30.86 12.31 -4.72
CA GLN A 132 29.60 12.88 -5.20
C GLN A 132 28.44 11.90 -5.00
N VAL A 133 28.65 10.62 -5.30
CA VAL A 133 27.55 9.67 -5.30
C VAL A 133 27.20 9.22 -3.90
N SER A 134 28.20 8.78 -3.13
CA SER A 134 27.93 8.14 -1.85
C SER A 134 27.26 9.08 -0.87
N PHE A 135 27.72 10.33 -0.81
CA PHE A 135 27.17 11.28 0.15
C PHE A 135 25.71 11.61 -0.15
N TRP A 136 25.39 11.83 -1.44
CA TRP A 136 24.00 12.09 -1.81
C TRP A 136 23.12 10.90 -1.50
N CYS A 137 23.59 9.68 -1.79
CA CYS A 137 22.77 8.51 -1.50
C CYS A 137 22.52 8.36 0.00
N LEU A 138 23.56 8.60 0.82
CA LEU A 138 23.38 8.53 2.27
C LEU A 138 22.38 9.56 2.76
N ALA A 139 22.48 10.79 2.27
CA ALA A 139 21.56 11.84 2.68
C ALA A 139 20.12 11.48 2.31
N ALA A 140 19.92 10.98 1.08
CA ALA A 140 18.58 10.59 0.67
C ALA A 140 18.02 9.48 1.55
N GLY A 141 18.84 8.48 1.86
CA GLY A 141 18.36 7.39 2.71
C GLY A 141 17.96 7.88 4.09
N ARG A 142 18.77 8.74 4.69
CA ARG A 142 18.46 9.22 6.03
C ARG A 142 17.19 10.05 6.04
N GLN A 143 17.03 10.98 5.08
CA GLN A 143 15.80 11.76 5.06
C GLN A 143 14.58 10.90 4.76
N ILE A 144 14.71 9.88 3.93
CA ILE A 144 13.56 9.00 3.67
C ILE A 144 13.15 8.27 4.95
N HIS A 145 14.12 7.76 5.70
CA HIS A 145 13.79 7.10 6.96
C HIS A 145 13.06 8.05 7.91
N LYS A 146 13.59 9.27 8.05
CA LYS A 146 12.95 10.24 8.94
C LYS A 146 11.53 10.59 8.47
N ILE A 147 11.35 10.76 7.16
CA ILE A 147 10.04 11.14 6.63
C ILE A 147 9.03 10.03 6.87
N ARG A 148 9.42 8.77 6.64
CA ARG A 148 8.51 7.66 6.93
C ARG A 148 8.11 7.65 8.39
N LYS A 149 9.09 7.75 9.29
CA LYS A 149 8.81 7.67 10.71
C LYS A 149 7.87 8.79 11.15
N GLN A 150 8.13 10.00 10.68
CA GLN A 150 7.30 11.14 11.10
C GLN A 150 5.92 11.08 10.46
N PHE A 151 5.80 10.54 9.25
CA PHE A 151 4.49 10.37 8.64
C PHE A 151 3.63 9.42 9.45
N PHE A 152 4.20 8.28 9.88
CA PHE A 152 3.43 7.38 10.72
C PHE A 152 3.07 8.03 12.04
N HIS A 153 3.99 8.78 12.63
CA HIS A 153 3.69 9.47 13.89
C HIS A 153 2.55 10.45 13.72
N ALA A 154 2.55 11.20 12.61
CA ALA A 154 1.47 12.17 12.37
C ALA A 154 0.14 11.47 12.10
N ILE A 155 0.17 10.30 11.46
CA ILE A 155 -1.06 9.53 11.30
C ILE A 155 -1.62 9.12 12.65
N MET A 156 -0.75 8.69 13.58
CA MET A 156 -1.21 8.28 14.90
C MET A 156 -1.82 9.42 15.70
N ARG A 157 -1.46 10.67 15.40
CA ARG A 157 -1.87 11.81 16.20
C ARG A 157 -3.29 12.28 15.90
N GLN A 158 -3.88 11.87 14.77
CA GLN A 158 -5.20 12.34 14.39
C GLN A 158 -6.27 11.71 15.28
N GLU A 159 -7.46 12.31 15.24
CA GLU A 159 -8.56 11.91 16.11
C GLU A 159 -9.55 11.02 15.36
N ILE A 160 -10.55 10.54 16.10
CA ILE A 160 -11.50 9.58 15.54
C ILE A 160 -12.41 10.23 14.50
N GLY A 161 -12.84 11.46 14.75
CA GLY A 161 -13.69 12.14 13.79
C GLY A 161 -13.01 12.31 12.44
N TRP A 162 -11.70 12.57 12.45
CA TRP A 162 -10.94 12.63 11.21
C TRP A 162 -10.94 11.29 10.49
N PHE A 163 -10.82 10.18 11.22
CA PHE A 163 -10.92 8.88 10.60
C PHE A 163 -12.30 8.62 10.01
N ASP A 164 -13.35 9.07 10.70
CA ASP A 164 -14.72 8.88 10.19
C ASP A 164 -14.94 9.66 8.90
N VAL A 165 -14.50 10.92 8.86
CA VAL A 165 -14.77 11.75 7.69
C VAL A 165 -13.99 11.25 6.48
N HIS A 166 -12.70 11.01 6.66
CA HIS A 166 -11.82 10.65 5.56
C HIS A 166 -11.79 9.14 5.34
N ASP A 167 -11.18 8.74 4.22
CA ASP A 167 -10.98 7.34 3.91
C ASP A 167 -9.53 6.98 4.20
N VAL A 168 -9.33 6.07 5.17
CA VAL A 168 -7.97 5.66 5.53
C VAL A 168 -7.38 4.70 4.52
N GLY A 169 -8.18 4.21 3.57
CA GLY A 169 -7.68 3.23 2.62
C GLY A 169 -6.51 3.73 1.80
N GLU A 170 -6.50 5.01 1.47
CA GLU A 170 -5.39 5.58 0.73
C GLU A 170 -4.10 5.50 1.54
N LEU A 171 -4.19 5.69 2.85
CA LEU A 171 -3.00 5.88 3.68
C LEU A 171 -2.02 4.72 3.56
N ASN A 172 -2.51 3.49 3.56
CA ASN A 172 -1.61 2.34 3.51
C ASN A 172 -0.79 2.32 2.23
N THR A 173 -1.32 2.82 1.12
CA THR A 173 -0.57 2.86 -0.11
C THR A 173 0.19 4.17 -0.30
N ARG A 174 0.07 5.09 0.65
CA ARG A 174 0.86 6.31 0.63
C ARG A 174 2.20 6.14 1.32
N LEU A 175 2.32 5.18 2.23
CA LEU A 175 3.62 4.91 2.85
C LEU A 175 4.55 4.15 1.93
N THR A 176 4.00 3.24 1.12
CA THR A 176 4.83 2.36 0.31
C THR A 176 5.30 3.04 -0.98
N ASP A 177 4.36 3.46 -1.82
CA ASP A 177 4.72 4.02 -3.12
C ASP A 177 5.10 5.49 -3.04
N ASP A 178 4.24 6.30 -2.42
CA ASP A 178 4.45 7.75 -2.43
C ASP A 178 5.80 8.12 -1.82
N VAL A 179 6.20 7.42 -0.76
CA VAL A 179 7.52 7.67 -0.17
C VAL A 179 8.62 7.29 -1.16
N SER A 180 8.49 6.12 -1.79
CA SER A 180 9.55 5.60 -2.64
C SER A 180 9.87 6.56 -3.79
N LYS A 181 8.83 7.17 -4.36
CA LYS A 181 9.07 8.13 -5.43
C LYS A 181 9.95 9.28 -4.96
N ILE A 182 9.72 9.79 -3.74
CA ILE A 182 10.59 10.81 -3.20
C ILE A 182 12.02 10.31 -3.11
N ASN A 183 12.19 9.03 -2.75
CA ASN A 183 13.51 8.45 -2.66
C ASN A 183 14.27 8.50 -3.97
N GLU A 184 13.57 8.64 -5.09
CA GLU A 184 14.26 8.76 -6.38
C GLU A 184 14.55 10.21 -6.75
N GLY A 185 13.79 11.16 -6.22
CA GLY A 185 13.98 12.54 -6.59
C GLY A 185 15.07 13.26 -5.83
N ILE A 186 15.40 12.78 -4.63
CA ILE A 186 16.40 13.41 -3.79
C ILE A 186 17.63 12.52 -3.62
N GLY A 187 17.76 11.49 -4.44
CA GLY A 187 18.91 10.61 -4.35
C GLY A 187 20.11 11.14 -5.10
N ASP A 188 20.80 10.27 -5.83
CA ASP A 188 21.95 10.68 -6.62
C ASP A 188 21.58 11.44 -7.87
N LYS A 189 20.30 11.51 -8.22
CA LYS A 189 19.89 12.22 -9.43
C LYS A 189 20.22 13.70 -9.33
N ILE A 190 20.14 14.27 -8.12
CA ILE A 190 20.56 15.65 -7.94
C ILE A 190 22.06 15.79 -8.19
N GLY A 191 22.85 14.82 -7.75
CA GLY A 191 24.27 14.85 -8.04
C GLY A 191 24.56 14.78 -9.52
N MET A 192 23.82 13.93 -10.24
CA MET A 192 24.00 13.85 -11.70
C MET A 192 23.62 15.17 -12.37
N PHE A 193 22.54 15.80 -11.92
CA PHE A 193 22.16 17.09 -12.48
C PHE A 193 23.24 18.14 -12.22
N PHE A 194 23.80 18.16 -11.02
CA PHE A 194 24.86 19.11 -10.71
C PHE A 194 26.10 18.85 -11.56
N GLN A 195 26.45 17.57 -11.75
CA GLN A 195 27.57 17.24 -12.62
C GLN A 195 27.35 17.71 -14.04
N SER A 196 26.14 17.51 -14.57
CA SER A 196 25.84 17.96 -15.92
C SER A 196 25.92 19.47 -16.03
N MET A 197 25.40 20.19 -15.04
CA MET A 197 25.46 21.65 -15.07
C MET A 197 26.91 22.12 -15.00
N ALA A 198 27.73 21.47 -14.18
CA ALA A 198 29.14 21.83 -14.09
C ALA A 198 29.84 21.61 -15.43
N THR A 199 29.55 20.49 -16.10
CA THR A 199 30.15 20.24 -17.41
C THR A 199 29.72 21.30 -18.43
N PHE A 200 28.43 21.64 -18.42
CA PHE A 200 27.92 22.69 -19.31
C PHE A 200 28.67 24.00 -19.09
N PHE A 201 28.75 24.45 -17.84
CA PHE A 201 29.37 25.74 -17.56
C PHE A 201 30.88 25.71 -17.80
N THR A 202 31.55 24.60 -17.52
CA THR A 202 32.99 24.52 -17.79
C THR A 202 33.27 24.55 -19.27
N GLY A 203 32.46 23.84 -20.07
CA GLY A 203 32.62 23.92 -21.51
C GLY A 203 32.41 25.34 -22.02
N PHE A 204 31.39 26.02 -21.52
CA PHE A 204 31.20 27.40 -21.95
C PHE A 204 32.33 28.30 -21.48
N ILE A 205 32.92 28.01 -20.31
CA ILE A 205 34.00 28.85 -19.79
C ILE A 205 35.24 28.71 -20.67
N VAL A 206 35.61 27.47 -21.02
CA VAL A 206 36.76 27.31 -21.90
C VAL A 206 36.46 27.85 -23.29
N GLY A 207 35.19 27.81 -23.72
CA GLY A 207 34.82 28.48 -24.95
C GLY A 207 35.04 29.97 -24.89
N PHE A 208 34.67 30.60 -23.77
CA PHE A 208 34.96 32.02 -23.58
C PHE A 208 36.45 32.29 -23.63
N THR A 209 37.25 31.45 -22.99
CA THR A 209 38.69 31.68 -22.96
C THR A 209 39.28 31.59 -24.37
N ARG A 210 38.86 30.60 -25.16
CA ARG A 210 39.43 30.43 -26.49
C ARG A 210 38.66 31.17 -27.58
N GLY A 211 37.49 31.73 -27.26
CA GLY A 211 36.71 32.45 -28.24
C GLY A 211 35.84 33.48 -27.58
N TRP A 212 35.67 34.62 -28.24
CA TRP A 212 34.96 35.74 -27.64
C TRP A 212 33.50 35.80 -28.07
N LYS A 213 33.22 35.76 -29.37
CA LYS A 213 31.89 36.06 -29.87
C LYS A 213 31.06 34.83 -30.20
N LEU A 214 31.68 33.76 -30.71
CA LEU A 214 30.91 32.56 -31.05
C LEU A 214 30.28 31.95 -29.81
N THR A 215 31.04 31.87 -28.71
CA THR A 215 30.50 31.28 -27.49
C THR A 215 29.31 32.09 -26.98
N LEU A 216 29.40 33.42 -27.05
CA LEU A 216 28.28 34.25 -26.65
C LEU A 216 27.06 34.01 -27.53
N VAL A 217 27.29 33.85 -28.84
CA VAL A 217 26.19 33.58 -29.77
C VAL A 217 25.51 32.26 -29.41
N ILE A 218 26.28 31.24 -29.07
CA ILE A 218 25.70 29.97 -28.65
C ILE A 218 24.94 30.14 -27.34
N LEU A 219 25.53 30.86 -26.38
CA LEU A 219 24.92 31.06 -25.08
C LEU A 219 23.62 31.83 -25.14
N ALA A 220 23.43 32.64 -26.19
CA ALA A 220 22.25 33.51 -26.26
C ALA A 220 20.91 32.77 -26.30
N ILE A 221 20.93 31.44 -26.22
CA ILE A 221 19.72 30.64 -26.35
C ILE A 221 19.52 29.74 -25.12
N SER A 222 20.33 29.92 -24.08
CA SER A 222 20.19 29.12 -22.86
C SER A 222 18.98 29.51 -22.01
N PRO A 223 18.70 30.81 -21.80
CA PRO A 223 17.56 31.15 -20.91
C PRO A 223 16.23 30.57 -21.36
N VAL A 224 15.95 30.52 -22.66
CA VAL A 224 14.69 29.94 -23.11
C VAL A 224 14.65 28.45 -22.80
N LEU A 225 15.81 27.78 -22.92
CA LEU A 225 15.88 26.37 -22.55
C LEU A 225 15.56 26.18 -21.07
N GLY A 226 16.14 27.02 -20.20
CA GLY A 226 15.84 26.92 -18.78
C GLY A 226 14.38 27.17 -18.47
N LEU A 227 13.79 28.19 -19.12
CA LEU A 227 12.37 28.48 -18.91
C LEU A 227 11.49 27.32 -19.35
N SER A 228 11.81 26.72 -20.51
CA SER A 228 11.03 25.58 -20.97
C SER A 228 11.14 24.41 -20.00
N ALA A 229 12.34 24.13 -19.50
CA ALA A 229 12.51 23.04 -18.54
C ALA A 229 11.69 23.29 -17.29
N ALA A 230 11.71 24.53 -16.78
CA ALA A 230 10.93 24.86 -15.60
C ALA A 230 9.43 24.66 -15.85
N VAL A 231 8.94 25.10 -17.00
CA VAL A 231 7.51 25.01 -17.29
C VAL A 231 7.07 23.55 -17.38
N TRP A 232 7.83 22.74 -18.12
CA TRP A 232 7.45 21.33 -18.26
C TRP A 232 7.53 20.60 -16.92
N ALA A 233 8.55 20.89 -16.11
CA ALA A 233 8.65 20.27 -14.79
C ALA A 233 7.45 20.64 -13.93
N LYS A 234 7.06 21.92 -13.95
CA LYS A 234 5.88 22.35 -13.20
C LYS A 234 4.63 21.63 -13.65
N ILE A 235 4.43 21.43 -14.95
CA ILE A 235 3.23 20.76 -15.44
C ILE A 235 3.20 19.30 -14.99
N LEU A 236 4.30 18.57 -15.19
CA LEU A 236 4.25 17.16 -14.86
C LEU A 236 4.27 16.91 -13.36
N SER A 237 4.78 17.86 -12.56
CA SER A 237 4.64 17.74 -11.12
C SER A 237 3.18 17.77 -10.71
N SER A 238 2.39 18.64 -11.35
CA SER A 238 0.95 18.67 -11.09
C SER A 238 0.28 17.38 -11.54
N PHE A 239 0.70 16.84 -12.70
CA PHE A 239 0.09 15.60 -13.19
C PHE A 239 0.35 14.43 -12.24
N THR A 240 1.55 14.39 -11.65
CA THR A 240 1.90 13.30 -10.76
C THR A 240 0.96 13.21 -9.56
N ASP A 241 0.45 14.34 -9.09
CA ASP A 241 -0.46 14.34 -7.95
C ASP A 241 -1.74 13.57 -8.27
N LYS A 242 -2.34 13.86 -9.42
CA LYS A 242 -3.55 13.15 -9.83
C LYS A 242 -3.28 11.68 -10.07
N GLU A 243 -2.14 11.36 -10.69
CA GLU A 243 -1.78 9.96 -10.90
C GLU A 243 -1.70 9.21 -9.57
N LEU A 244 -1.02 9.81 -8.58
CA LEU A 244 -0.89 9.16 -7.29
C LEU A 244 -2.22 9.06 -6.57
N LEU A 245 -3.10 10.06 -6.75
CA LEU A 245 -4.43 9.97 -6.14
C LEU A 245 -5.21 8.79 -6.72
N ALA A 246 -5.15 8.59 -8.03
CA ALA A 246 -5.83 7.45 -8.62
C ALA A 246 -5.26 6.13 -8.12
N TYR A 247 -3.93 6.04 -8.01
CA TYR A 247 -3.32 4.84 -7.45
C TYR A 247 -3.76 4.62 -6.01
N ALA A 248 -3.93 5.70 -5.24
CA ALA A 248 -4.40 5.59 -3.87
C ALA A 248 -5.82 5.04 -3.81
N LYS A 249 -6.69 5.53 -4.70
CA LYS A 249 -8.06 4.99 -4.74
C LYS A 249 -8.04 3.51 -5.07
N ALA A 250 -7.22 3.10 -6.04
CA ALA A 250 -7.13 1.69 -6.37
C ALA A 250 -6.64 0.86 -5.19
N GLY A 251 -5.65 1.36 -4.46
CA GLY A 251 -5.16 0.64 -3.28
C GLY A 251 -6.20 0.55 -2.18
N ALA A 252 -6.99 1.60 -1.98
CA ALA A 252 -8.06 1.54 -1.00
C ALA A 252 -9.08 0.48 -1.36
N VAL A 253 -9.48 0.43 -2.63
CA VAL A 253 -10.40 -0.61 -3.07
C VAL A 253 -9.80 -1.99 -2.86
N ALA A 254 -8.51 -2.14 -3.16
CA ALA A 254 -7.85 -3.42 -2.99
C ALA A 254 -7.88 -3.87 -1.54
N GLU A 255 -7.57 -2.97 -0.60
CA GLU A 255 -7.52 -3.39 0.79
C GLU A 255 -8.93 -3.66 1.32
N GLU A 256 -9.91 -2.90 0.84
CA GLU A 256 -11.29 -3.15 1.26
C GLU A 256 -11.75 -4.52 0.81
N VAL A 257 -11.41 -4.91 -0.43
CA VAL A 257 -11.79 -6.23 -0.90
C VAL A 257 -11.04 -7.32 -0.15
N LEU A 258 -9.75 -7.11 0.10
CA LEU A 258 -8.94 -8.16 0.73
C LEU A 258 -9.24 -8.34 2.21
N ALA A 259 -9.73 -7.30 2.89
CA ALA A 259 -10.02 -7.43 4.31
C ALA A 259 -11.27 -8.25 4.57
N ALA A 260 -12.21 -8.27 3.61
CA ALA A 260 -13.46 -8.99 3.76
C ALA A 260 -13.57 -10.08 2.71
N ILE A 261 -12.49 -10.86 2.54
CA ILE A 261 -12.44 -11.82 1.43
C ILE A 261 -13.46 -12.93 1.62
N ARG A 262 -13.77 -13.31 2.86
CA ARG A 262 -14.68 -14.43 3.08
C ARG A 262 -16.08 -14.11 2.56
N THR A 263 -16.59 -12.91 2.84
CA THR A 263 -17.91 -12.54 2.34
C THR A 263 -17.92 -12.44 0.82
N VAL A 264 -16.84 -11.89 0.24
CA VAL A 264 -16.77 -11.76 -1.21
C VAL A 264 -16.77 -13.13 -1.88
N ILE A 265 -16.01 -14.08 -1.33
CA ILE A 265 -16.02 -15.44 -1.86
C ILE A 265 -17.38 -16.08 -1.67
N ALA A 266 -18.00 -15.86 -0.52
CA ALA A 266 -19.31 -16.46 -0.24
C ALA A 266 -20.36 -15.97 -1.23
N PHE A 267 -20.38 -14.68 -1.53
CA PHE A 267 -21.39 -14.11 -2.40
C PHE A 267 -20.97 -14.08 -3.87
N GLY A 268 -19.78 -14.57 -4.19
CA GLY A 268 -19.34 -14.65 -5.57
C GLY A 268 -19.26 -13.31 -6.27
N GLY A 269 -18.78 -12.28 -5.57
CA GLY A 269 -18.71 -10.96 -6.16
C GLY A 269 -17.31 -10.57 -6.60
N GLN A 270 -16.52 -11.56 -7.02
CA GLN A 270 -15.15 -11.29 -7.41
C GLN A 270 -15.07 -10.41 -8.66
N LYS A 271 -15.93 -10.67 -9.65
CA LYS A 271 -15.86 -9.92 -10.91
C LYS A 271 -16.18 -8.45 -10.71
N LYS A 272 -17.20 -8.14 -9.89
CA LYS A 272 -17.58 -6.76 -9.67
C LYS A 272 -16.46 -5.98 -9.01
N GLU A 273 -15.83 -6.56 -7.99
CA GLU A 273 -14.70 -5.89 -7.34
C GLU A 273 -13.52 -5.77 -8.29
N LEU A 274 -13.31 -6.77 -9.15
CA LEU A 274 -12.22 -6.69 -10.11
C LEU A 274 -12.41 -5.51 -11.07
N GLU A 275 -13.63 -5.32 -11.57
CA GLU A 275 -13.87 -4.17 -12.46
C GLU A 275 -13.79 -2.84 -11.71
N ARG A 276 -14.29 -2.82 -10.46
CA ARG A 276 -14.20 -1.62 -9.65
C ARG A 276 -12.74 -1.24 -9.39
N TYR A 277 -11.85 -2.22 -9.26
CA TYR A 277 -10.44 -1.96 -9.13
C TYR A 277 -9.80 -1.58 -10.46
N ASN A 278 -10.28 -2.14 -11.56
CA ASN A 278 -9.72 -1.88 -12.88
C ASN A 278 -10.00 -0.47 -13.36
N LYS A 279 -11.11 0.13 -12.93
CA LYS A 279 -11.43 1.49 -13.38
C LYS A 279 -10.35 2.48 -12.97
N ASN A 280 -9.88 2.39 -11.72
CA ASN A 280 -8.85 3.31 -11.24
C ASN A 280 -7.54 3.11 -11.99
N LEU A 281 -7.18 1.85 -12.28
CA LEU A 281 -5.99 1.59 -13.07
C LEU A 281 -6.10 2.20 -14.46
N GLU A 282 -7.29 2.11 -15.05
CA GLU A 282 -7.50 2.73 -16.36
C GLU A 282 -7.28 4.23 -16.31
N GLU A 283 -7.81 4.89 -15.27
CA GLU A 283 -7.59 6.33 -15.15
C GLU A 283 -6.12 6.66 -14.91
N ALA A 284 -5.42 5.83 -14.12
CA ALA A 284 -4.00 6.05 -13.90
C ALA A 284 -3.21 5.95 -15.21
N LYS A 285 -3.55 4.96 -16.04
CA LYS A 285 -2.90 4.87 -17.35
C LYS A 285 -3.20 6.09 -18.20
N ARG A 286 -4.45 6.55 -18.17
CA ARG A 286 -4.82 7.76 -18.92
C ARG A 286 -3.96 8.95 -18.52
N ILE A 287 -3.69 9.11 -17.22
CA ILE A 287 -2.82 10.20 -16.78
C ILE A 287 -1.37 9.96 -17.19
N GLY A 288 -0.91 8.71 -17.07
CA GLY A 288 0.49 8.42 -17.38
C GLY A 288 0.85 8.69 -18.82
N ILE A 289 -0.09 8.47 -19.74
CA ILE A 289 0.18 8.73 -21.16
C ILE A 289 0.50 10.21 -21.37
N LYS A 290 -0.33 11.09 -20.81
CA LYS A 290 -0.09 12.53 -20.94
C LYS A 290 1.22 12.92 -20.28
N LYS A 291 1.53 12.33 -19.12
CA LYS A 291 2.78 12.63 -18.45
C LYS A 291 3.98 12.27 -19.33
N ALA A 292 3.94 11.11 -19.97
CA ALA A 292 5.02 10.71 -20.87
C ALA A 292 5.11 11.66 -22.05
N ILE A 293 3.98 12.08 -22.61
CA ILE A 293 4.00 12.95 -23.78
C ILE A 293 4.68 14.27 -23.44
N THR A 294 4.31 14.88 -22.32
CA THR A 294 4.90 16.18 -21.98
C THR A 294 6.36 16.03 -21.60
N ALA A 295 6.72 14.95 -20.89
CA ALA A 295 8.13 14.73 -20.56
C ALA A 295 8.97 14.57 -21.80
N ASN A 296 8.42 13.99 -22.87
CA ASN A 296 9.15 13.82 -24.11
C ASN A 296 9.28 15.12 -24.88
N ILE A 297 8.21 15.91 -24.94
CA ILE A 297 8.31 17.21 -25.60
C ILE A 297 9.38 18.07 -24.92
N SER A 298 9.49 17.94 -23.59
CA SER A 298 10.48 18.70 -22.84
C SER A 298 11.89 18.49 -23.38
N ILE A 299 12.24 17.27 -23.77
CA ILE A 299 13.59 17.01 -24.26
C ILE A 299 13.70 17.28 -25.76
N GLY A 300 12.62 17.01 -26.50
CA GLY A 300 12.66 17.22 -27.94
C GLY A 300 12.88 18.68 -28.30
N ALA A 301 12.13 19.58 -27.65
CA ALA A 301 12.29 21.00 -27.94
C ALA A 301 13.69 21.48 -27.58
N ALA A 302 14.23 21.00 -26.47
CA ALA A 302 15.57 21.40 -26.06
C ALA A 302 16.61 20.99 -27.10
N PHE A 303 16.54 19.74 -27.57
CA PHE A 303 17.52 19.30 -28.57
C PHE A 303 17.36 20.06 -29.88
N LEU A 304 16.12 20.31 -30.31
CA LEU A 304 15.92 21.08 -31.53
C LEU A 304 16.52 22.47 -31.42
N LEU A 305 16.28 23.14 -30.29
CA LEU A 305 16.84 24.48 -30.10
C LEU A 305 18.36 24.43 -30.06
N ILE A 306 18.93 23.41 -29.43
CA ILE A 306 20.38 23.29 -29.36
C ILE A 306 20.98 23.18 -30.76
N TYR A 307 20.40 22.32 -31.60
CA TYR A 307 20.96 22.15 -32.93
C TYR A 307 20.74 23.38 -33.81
N ALA A 308 19.61 24.07 -33.65
CA ALA A 308 19.43 25.32 -34.38
C ALA A 308 20.48 26.35 -33.96
N SER A 309 20.77 26.42 -32.66
CA SER A 309 21.80 27.33 -32.19
C SER A 309 23.16 26.97 -32.77
N TYR A 310 23.47 25.66 -32.83
CA TYR A 310 24.74 25.24 -33.41
C TYR A 310 24.83 25.62 -34.89
N ALA A 311 23.73 25.47 -35.62
CA ALA A 311 23.74 25.86 -37.04
C ALA A 311 23.98 27.35 -37.20
N LEU A 312 23.31 28.17 -36.39
CA LEU A 312 23.53 29.61 -36.46
C LEU A 312 24.97 29.96 -36.12
N ALA A 313 25.52 29.30 -35.09
CA ALA A 313 26.90 29.54 -34.71
C ALA A 313 27.86 29.18 -35.83
N PHE A 314 27.62 28.06 -36.51
CA PHE A 314 28.48 27.69 -37.63
C PHE A 314 28.37 28.71 -38.76
N TRP A 315 27.17 29.19 -39.05
CA TRP A 315 27.02 30.21 -40.08
C TRP A 315 27.82 31.45 -39.74
N TYR A 316 27.79 31.87 -38.47
CA TYR A 316 28.59 33.01 -38.06
C TYR A 316 30.08 32.71 -38.16
N GLY A 317 30.49 31.52 -37.72
CA GLY A 317 31.91 31.20 -37.66
C GLY A 317 32.53 31.02 -39.02
N THR A 318 31.71 30.74 -40.04
CA THR A 318 32.25 30.59 -41.39
C THR A 318 32.81 31.91 -41.93
N THR A 319 32.54 33.03 -41.28
CA THR A 319 33.02 34.34 -41.69
C THR A 319 34.51 34.58 -41.29
N LEU A 320 35.17 33.54 -40.79
CA LEU A 320 36.59 33.66 -40.45
C LEU A 320 37.43 33.92 -41.69
N VAL A 321 37.04 33.33 -42.83
CA VAL A 321 37.81 33.52 -44.06
C VAL A 321 37.71 34.96 -44.53
N LEU A 322 36.54 35.57 -44.40
CA LEU A 322 36.36 36.96 -44.84
C LEU A 322 36.99 37.94 -43.86
N SER A 323 36.51 37.93 -42.61
CA SER A 323 37.01 38.89 -41.63
C SER A 323 38.46 38.63 -41.27
N GLY A 324 38.85 37.37 -41.12
CA GLY A 324 40.20 37.04 -40.70
C GLY A 324 40.45 37.23 -39.22
N GLU A 325 39.41 37.51 -38.43
CA GLU A 325 39.60 37.75 -37.00
C GLU A 325 40.06 36.49 -36.28
N TYR A 326 39.49 35.34 -36.62
CA TYR A 326 39.75 34.10 -35.92
C TYR A 326 40.34 33.06 -36.85
N SER A 327 40.97 32.05 -36.26
CA SER A 327 41.59 30.95 -36.99
C SER A 327 40.70 29.71 -36.92
N ILE A 328 41.01 28.74 -37.78
CA ILE A 328 40.23 27.51 -37.82
C ILE A 328 40.39 26.73 -36.52
N GLY A 329 41.59 26.77 -35.92
CA GLY A 329 41.79 26.07 -34.66
C GLY A 329 40.92 26.61 -33.54
N GLN A 330 40.76 27.94 -33.47
CA GLN A 330 39.90 28.53 -32.45
C GLN A 330 38.45 28.09 -32.64
N VAL A 331 37.98 28.07 -33.88
CA VAL A 331 36.60 27.66 -34.15
C VAL A 331 36.41 26.19 -33.79
N LEU A 332 37.38 25.34 -34.14
CA LEU A 332 37.30 23.94 -33.79
C LEU A 332 37.27 23.74 -32.27
N THR A 333 38.10 24.49 -31.55
CA THR A 333 38.10 24.42 -30.09
C THR A 333 36.74 24.82 -29.54
N VAL A 334 36.21 25.95 -30.03
CA VAL A 334 34.95 26.47 -29.51
C VAL A 334 33.84 25.46 -29.72
N PHE A 335 33.76 24.90 -30.93
CA PHE A 335 32.71 23.93 -31.22
C PHE A 335 32.87 22.65 -30.40
N PHE A 336 34.07 22.09 -30.37
CA PHE A 336 34.28 20.82 -29.69
C PHE A 336 34.12 20.96 -28.18
N SER A 337 34.30 22.16 -27.65
CA SER A 337 34.13 22.37 -26.21
C SER A 337 32.70 22.71 -25.86
N VAL A 338 32.02 23.51 -26.69
CA VAL A 338 30.64 23.89 -26.41
C VAL A 338 29.71 22.70 -26.58
N LEU A 339 29.94 21.88 -27.60
CA LEU A 339 29.01 20.81 -27.95
C LEU A 339 28.85 19.78 -26.84
N ILE A 340 29.78 19.70 -25.89
CA ILE A 340 29.61 18.77 -24.78
C ILE A 340 28.40 19.15 -23.94
N GLY A 341 28.14 20.46 -23.79
CA GLY A 341 26.95 20.88 -23.08
C GLY A 341 25.66 20.47 -23.77
N ALA A 342 25.70 20.33 -25.09
CA ALA A 342 24.52 19.88 -25.83
C ALA A 342 24.07 18.51 -25.36
N PHE A 343 25.02 17.63 -25.02
CA PHE A 343 24.69 16.33 -24.46
C PHE A 343 24.54 16.37 -22.95
N SER A 344 25.16 17.35 -22.29
CA SER A 344 24.96 17.52 -20.86
C SER A 344 23.50 17.85 -20.56
N VAL A 345 22.85 18.62 -21.44
CA VAL A 345 21.42 18.91 -21.26
C VAL A 345 20.60 17.64 -21.29
N GLY A 346 20.89 16.76 -22.26
CA GLY A 346 20.19 15.49 -22.33
C GLY A 346 20.46 14.60 -21.14
N GLN A 347 21.68 14.66 -20.60
CA GLN A 347 21.97 13.96 -19.34
C GLN A 347 21.18 14.53 -18.18
N ALA A 348 20.99 15.85 -18.17
CA ALA A 348 20.37 16.51 -17.02
C ALA A 348 18.87 16.30 -16.98
N SER A 349 18.23 16.26 -18.15
CA SER A 349 16.76 16.27 -18.18
C SER A 349 16.08 15.21 -17.32
N PRO A 350 16.47 13.92 -17.37
CA PRO A 350 15.79 12.93 -16.52
C PRO A 350 15.87 13.24 -15.03
N SER A 351 16.96 13.85 -14.57
CA SER A 351 17.05 14.24 -13.17
C SER A 351 15.99 15.28 -12.82
N ILE A 352 15.76 16.25 -13.72
CA ILE A 352 14.71 17.23 -13.49
C ILE A 352 13.34 16.55 -13.48
N GLU A 353 13.14 15.56 -14.35
CA GLU A 353 11.88 14.83 -14.34
C GLU A 353 11.65 14.14 -13.00
N ALA A 354 12.68 13.45 -12.50
CA ALA A 354 12.54 12.75 -11.23
C ALA A 354 12.31 13.72 -10.07
N PHE A 355 13.01 14.85 -10.06
CA PHE A 355 12.82 15.83 -9.00
C PHE A 355 11.41 16.40 -9.02
N ALA A 356 10.88 16.69 -10.21
CA ALA A 356 9.51 17.17 -10.31
C ALA A 356 8.52 16.11 -9.82
N ASN A 357 8.79 14.83 -10.15
CA ASN A 357 7.93 13.75 -9.66
C ASN A 357 7.91 13.71 -8.14
N ALA A 358 9.09 13.80 -7.51
CA ALA A 358 9.14 13.76 -6.05
C ALA A 358 8.46 14.98 -5.43
N ARG A 359 8.64 16.15 -6.02
CA ARG A 359 7.99 17.35 -5.50
C ARG A 359 6.48 17.23 -5.58
N GLY A 360 5.97 16.68 -6.68
CA GLY A 360 4.53 16.44 -6.78
C GLY A 360 4.05 15.36 -5.83
N ALA A 361 4.91 14.41 -5.50
CA ALA A 361 4.54 13.34 -4.58
C ALA A 361 4.48 13.78 -3.13
N ALA A 362 5.31 14.72 -2.71
CA ALA A 362 5.37 15.15 -1.31
C ALA A 362 4.13 15.92 -0.86
N TYR A 363 3.24 16.29 -1.78
CA TYR A 363 2.11 17.17 -1.46
C TYR A 363 1.26 16.60 -0.33
N GLU A 364 0.64 15.44 -0.56
CA GLU A 364 -0.25 14.86 0.43
C GLU A 364 0.46 14.44 1.71
N ILE A 365 1.70 13.96 1.60
CA ILE A 365 2.45 13.57 2.79
C ILE A 365 2.57 14.75 3.74
N PHE A 366 3.02 15.89 3.22
CA PHE A 366 3.18 17.03 4.11
C PHE A 366 1.86 17.72 4.44
N LYS A 367 0.83 17.55 3.62
CA LYS A 367 -0.49 18.00 4.01
C LYS A 367 -0.98 17.24 5.23
N ILE A 368 -0.74 15.93 5.27
CA ILE A 368 -1.14 15.13 6.43
C ILE A 368 -0.33 15.49 7.66
N ILE A 369 1.00 15.62 7.49
CA ILE A 369 1.84 15.92 8.65
C ILE A 369 1.54 17.30 9.20
N ASP A 370 1.25 18.27 8.33
CA ASP A 370 1.01 19.64 8.78
C ASP A 370 -0.27 19.81 9.58
N ASN A 371 -1.16 18.82 9.60
CA ASN A 371 -2.42 18.95 10.31
C ASN A 371 -2.20 18.94 11.82
N LYS A 372 -3.17 19.47 12.55
CA LYS A 372 -3.13 19.51 14.00
C LYS A 372 -4.48 19.07 14.55
N PRO A 373 -4.52 18.05 15.41
CA PRO A 373 -5.79 17.59 15.97
C PRO A 373 -6.26 18.50 17.10
N SER A 374 -7.52 18.29 17.49
CA SER A 374 -8.10 19.01 18.61
C SER A 374 -7.97 18.24 19.92
N ILE A 375 -8.27 16.95 19.91
CA ILE A 375 -8.09 16.10 21.09
C ILE A 375 -6.82 15.31 20.83
N ASP A 376 -5.68 15.86 21.26
CA ASP A 376 -4.38 15.25 21.01
C ASP A 376 -3.98 14.37 22.18
N SER A 377 -3.74 13.10 21.90
CA SER A 377 -3.37 12.16 22.94
C SER A 377 -1.90 12.27 23.34
N TYR A 378 -1.05 12.85 22.49
CA TYR A 378 0.36 12.97 22.80
C TYR A 378 0.69 14.19 23.65
N SER A 379 -0.23 15.14 23.77
CA SER A 379 0.03 16.33 24.55
C SER A 379 0.10 16.00 26.04
N LYS A 380 1.05 16.63 26.73
CA LYS A 380 1.21 16.47 28.17
C LYS A 380 0.80 17.73 28.93
N SER A 381 0.15 18.68 28.27
CA SER A 381 -0.21 19.95 28.88
C SER A 381 -1.57 19.90 29.57
N GLY A 382 -2.04 18.71 29.97
CA GLY A 382 -3.30 18.57 30.64
C GLY A 382 -3.15 18.50 32.16
N HIS A 383 -4.29 18.32 32.81
CA HIS A 383 -4.37 18.17 34.25
C HIS A 383 -4.45 16.70 34.61
N LYS A 384 -4.11 16.38 35.86
CA LYS A 384 -4.26 15.02 36.34
C LYS A 384 -4.34 15.00 37.86
N PRO A 385 -5.31 14.28 38.42
CA PRO A 385 -5.37 14.14 39.88
C PRO A 385 -4.62 12.91 40.38
N ASP A 386 -4.52 12.81 41.70
CA ASP A 386 -3.81 11.72 42.35
C ASP A 386 -4.75 10.71 43.00
N ASN A 387 -5.63 11.17 43.89
CA ASN A 387 -6.62 10.30 44.53
C ASN A 387 -7.91 10.41 43.75
N ILE A 388 -7.97 9.67 42.64
CA ILE A 388 -9.14 9.72 41.76
C ILE A 388 -10.23 8.82 42.33
N LYS A 389 -11.37 9.41 42.65
CA LYS A 389 -12.51 8.65 43.14
C LYS A 389 -13.50 8.40 42.00
N GLY A 390 -14.18 7.27 42.05
CA GLY A 390 -15.11 6.93 41.00
C GLY A 390 -16.41 7.71 41.10
N ASN A 391 -16.58 8.70 40.23
CA ASN A 391 -17.79 9.52 40.20
C ASN A 391 -18.00 10.00 38.78
N LEU A 392 -19.11 9.59 38.18
CA LEU A 392 -19.43 9.93 36.80
C LEU A 392 -20.64 10.85 36.77
N GLU A 393 -20.57 11.88 35.94
CA GLU A 393 -21.66 12.86 35.90
C GLU A 393 -21.84 13.36 34.48
N PHE A 394 -22.96 13.00 33.87
CA PHE A 394 -23.39 13.54 32.59
C PHE A 394 -24.42 14.63 32.86
N ARG A 395 -24.28 15.76 32.18
CA ARG A 395 -25.20 16.88 32.38
C ARG A 395 -25.48 17.52 31.03
N ASN A 396 -26.76 17.45 30.61
CA ASN A 396 -27.26 18.16 29.43
C ASN A 396 -26.39 17.90 28.20
N VAL A 397 -26.11 16.62 27.96
CA VAL A 397 -25.21 16.20 26.89
C VAL A 397 -25.97 16.16 25.59
N HIS A 398 -25.60 17.03 24.64
CA HIS A 398 -26.13 17.03 23.29
C HIS A 398 -25.00 16.65 22.33
N PHE A 399 -25.24 15.65 21.49
CA PHE A 399 -24.17 15.13 20.65
C PHE A 399 -24.71 14.73 19.29
N SER A 400 -23.87 14.90 18.27
CA SER A 400 -24.17 14.47 16.90
C SER A 400 -22.86 14.02 16.25
N TYR A 401 -22.90 12.89 15.57
CA TYR A 401 -21.70 12.36 14.94
C TYR A 401 -21.25 13.23 13.78
N PRO A 402 -19.95 13.34 13.55
CA PRO A 402 -19.47 14.20 12.46
C PRO A 402 -19.92 13.75 11.08
N SER A 403 -20.06 12.45 10.85
CA SER A 403 -20.45 11.97 9.52
C SER A 403 -21.84 12.45 9.14
N ARG A 404 -22.80 12.40 10.08
CA ARG A 404 -24.17 12.83 9.85
C ARG A 404 -24.47 13.90 10.91
N LYS A 405 -24.12 15.15 10.59
CA LYS A 405 -24.30 16.24 11.53
C LYS A 405 -25.75 16.68 11.66
N GLU A 406 -26.57 16.45 10.63
CA GLU A 406 -27.97 16.86 10.69
C GLU A 406 -28.75 16.09 11.75
N VAL A 407 -28.49 14.78 11.86
CA VAL A 407 -29.24 13.96 12.80
C VAL A 407 -28.75 14.21 14.23
N LYS A 408 -29.70 14.22 15.17
CA LYS A 408 -29.42 14.38 16.58
C LYS A 408 -29.64 13.04 17.28
N ILE A 409 -28.66 12.62 18.06
CA ILE A 409 -28.67 11.31 18.69
C ILE A 409 -28.93 11.40 20.19
N LEU A 410 -28.37 12.41 20.85
CA LEU A 410 -28.61 12.63 22.28
C LEU A 410 -29.17 14.04 22.44
N LYS A 411 -30.46 14.11 22.80
CA LYS A 411 -31.16 15.39 22.92
C LYS A 411 -31.09 15.94 24.35
N GLY A 412 -30.05 15.56 25.10
CA GLY A 412 -29.86 16.06 26.44
C GLY A 412 -30.21 15.03 27.50
N LEU A 413 -29.20 14.38 28.06
CA LEU A 413 -29.40 13.42 29.13
C LEU A 413 -28.47 13.75 30.29
N ASN A 414 -28.91 13.36 31.49
CA ASN A 414 -28.12 13.57 32.70
C ASN A 414 -28.08 12.28 33.50
N LEU A 415 -26.95 12.05 34.15
CA LEU A 415 -26.71 10.83 34.91
C LEU A 415 -25.71 11.11 36.02
N LYS A 416 -25.90 10.41 37.14
CA LYS A 416 -24.97 10.49 38.27
C LYS A 416 -24.65 9.07 38.72
N VAL A 417 -23.37 8.73 38.74
CA VAL A 417 -22.90 7.42 39.17
C VAL A 417 -21.88 7.61 40.27
N GLN A 418 -22.07 6.93 41.39
CA GLN A 418 -21.16 7.00 42.52
C GLN A 418 -20.22 5.80 42.51
N SER A 419 -19.23 5.84 43.41
CA SER A 419 -18.27 4.75 43.51
C SER A 419 -18.95 3.47 44.00
N GLY A 420 -18.50 2.34 43.47
CA GLY A 420 -19.11 1.07 43.82
C GLY A 420 -20.55 0.93 43.41
N GLN A 421 -20.91 1.47 42.25
CA GLN A 421 -22.27 1.42 41.73
C GLN A 421 -22.27 0.83 40.34
N THR A 422 -23.26 0.00 40.05
CA THR A 422 -23.43 -0.62 38.74
C THR A 422 -24.67 -0.02 38.08
N VAL A 423 -24.45 0.67 36.97
CA VAL A 423 -25.53 1.30 36.21
C VAL A 423 -25.76 0.50 34.94
N ALA A 424 -27.01 0.12 34.69
CA ALA A 424 -27.38 -0.57 33.47
C ALA A 424 -28.25 0.36 32.62
N LEU A 425 -28.02 0.34 31.32
CA LEU A 425 -28.80 1.14 30.37
C LEU A 425 -29.59 0.20 29.48
N VAL A 426 -30.91 0.40 29.42
CA VAL A 426 -31.80 -0.49 28.70
C VAL A 426 -32.62 0.33 27.71
N GLY A 427 -32.80 -0.21 26.51
CA GLY A 427 -33.61 0.44 25.51
C GLY A 427 -33.53 -0.31 24.19
N ASN A 428 -34.22 0.23 23.19
CA ASN A 428 -34.18 -0.32 21.85
C ASN A 428 -32.88 0.06 21.15
N SER A 429 -32.70 -0.49 19.96
CA SER A 429 -31.50 -0.19 19.18
C SER A 429 -31.60 1.18 18.55
N GLY A 430 -30.59 2.02 18.77
CA GLY A 430 -30.50 3.32 18.16
C GLY A 430 -30.68 4.49 19.11
N CYS A 431 -30.85 4.25 20.41
CA CYS A 431 -31.00 5.37 21.33
C CYS A 431 -29.68 6.06 21.64
N GLY A 432 -28.56 5.32 21.57
CA GLY A 432 -27.28 5.92 21.84
C GLY A 432 -26.62 5.45 23.13
N LYS A 433 -26.64 4.15 23.39
CA LYS A 433 -25.92 3.61 24.54
C LYS A 433 -24.41 3.54 24.26
N SER A 434 -24.03 2.88 23.17
CA SER A 434 -22.63 2.89 22.78
C SER A 434 -22.15 4.30 22.48
N THR A 435 -23.06 5.18 22.05
CA THR A 435 -22.68 6.56 21.78
C THR A 435 -22.17 7.25 23.05
N THR A 436 -22.91 7.13 24.15
CA THR A 436 -22.43 7.75 25.38
C THR A 436 -21.26 6.99 25.97
N VAL A 437 -21.16 5.68 25.70
CA VAL A 437 -19.97 4.94 26.14
C VAL A 437 -18.72 5.52 25.47
N GLN A 438 -18.80 5.77 24.16
CA GLN A 438 -17.68 6.40 23.46
C GLN A 438 -17.46 7.83 23.95
N LEU A 439 -18.54 8.57 24.19
CA LEU A 439 -18.41 9.94 24.68
C LEU A 439 -17.68 9.98 26.02
N MET A 440 -17.78 8.91 26.81
CA MET A 440 -17.08 8.88 28.09
C MET A 440 -15.57 8.92 27.90
N GLN A 441 -15.04 8.19 26.91
CA GLN A 441 -13.61 8.14 26.66
C GLN A 441 -13.07 9.37 25.96
N ARG A 442 -13.91 10.39 25.76
CA ARG A 442 -13.53 11.60 25.02
C ARG A 442 -13.03 11.27 23.62
N LEU A 443 -13.63 10.26 22.99
CA LEU A 443 -13.43 10.06 21.56
C LEU A 443 -14.02 11.22 20.78
N TYR A 444 -15.17 11.74 21.23
CA TYR A 444 -15.79 12.91 20.65
C TYR A 444 -16.08 13.92 21.76
N ASP A 445 -16.31 15.16 21.36
CA ASP A 445 -16.70 16.20 22.30
C ASP A 445 -18.15 16.59 22.06
N PRO A 446 -18.99 16.60 23.09
CA PRO A 446 -20.40 16.93 22.90
C PRO A 446 -20.60 18.36 22.44
N THR A 447 -21.64 18.57 21.64
CA THR A 447 -21.95 19.90 21.14
C THR A 447 -22.36 20.84 22.27
N GLU A 448 -23.18 20.35 23.20
CA GLU A 448 -23.65 21.14 24.32
C GLU A 448 -23.56 20.31 25.59
N GLY A 449 -23.46 20.99 26.72
CA GLY A 449 -23.32 20.33 28.00
C GLY A 449 -21.88 19.91 28.27
N MET A 450 -21.71 19.18 29.37
CA MET A 450 -20.38 18.78 29.82
C MET A 450 -20.44 17.44 30.52
N VAL A 451 -19.36 16.67 30.38
CA VAL A 451 -19.16 15.41 31.07
C VAL A 451 -18.02 15.59 32.06
N SER A 452 -18.21 15.13 33.29
CA SER A 452 -17.23 15.33 34.34
C SER A 452 -17.01 14.04 35.11
N VAL A 453 -15.78 13.85 35.58
CA VAL A 453 -15.46 12.77 36.51
C VAL A 453 -14.94 13.41 37.79
N ASP A 454 -15.58 13.07 38.92
CA ASP A 454 -15.25 13.62 40.23
C ASP A 454 -15.25 15.16 40.19
N GLY A 455 -16.28 15.70 39.56
CA GLY A 455 -16.44 17.16 39.48
C GLY A 455 -15.65 17.87 38.41
N GLN A 456 -14.38 17.50 38.22
CA GLN A 456 -13.55 18.14 37.21
C GLN A 456 -14.06 17.80 35.81
N ASP A 457 -14.05 18.81 34.94
CA ASP A 457 -14.50 18.61 33.57
C ASP A 457 -13.55 17.71 32.81
N ILE A 458 -14.10 16.91 31.88
CA ILE A 458 -13.30 16.00 31.09
C ILE A 458 -12.34 16.77 30.18
N ARG A 459 -12.79 17.89 29.63
CA ARG A 459 -11.99 18.64 28.68
C ARG A 459 -10.76 19.28 29.32
N THR A 460 -10.63 19.24 30.64
CA THR A 460 -9.52 19.88 31.33
C THR A 460 -8.39 18.92 31.69
N ILE A 461 -8.73 17.69 32.08
CA ILE A 461 -7.70 16.76 32.54
C ILE A 461 -6.99 16.13 31.35
N ASN A 462 -5.88 15.44 31.62
CA ASN A 462 -5.06 14.87 30.56
C ASN A 462 -5.78 13.73 29.86
N VAL A 463 -5.65 13.69 28.54
CA VAL A 463 -6.36 12.69 27.74
C VAL A 463 -5.79 11.30 27.99
N ARG A 464 -4.45 11.18 27.95
CA ARG A 464 -3.83 9.88 28.14
C ARG A 464 -4.12 9.33 29.53
N PHE A 465 -4.01 10.16 30.55
CA PHE A 465 -4.30 9.72 31.92
C PHE A 465 -5.76 9.31 32.06
N LEU A 466 -6.67 10.09 31.47
CA LEU A 466 -8.09 9.75 31.54
C LEU A 466 -8.37 8.42 30.88
N ARG A 467 -7.81 8.20 29.69
CA ARG A 467 -8.04 6.95 28.98
C ARG A 467 -7.30 5.77 29.59
N GLU A 468 -6.30 6.01 30.42
CA GLU A 468 -5.53 4.93 31.02
C GLU A 468 -6.17 4.36 32.28
N ILE A 469 -7.24 4.98 32.79
CA ILE A 469 -7.96 4.48 33.96
C ILE A 469 -9.31 3.90 33.59
N ILE A 470 -9.62 3.80 32.31
CA ILE A 470 -10.91 3.31 31.82
C ILE A 470 -10.67 2.00 31.09
N GLY A 471 -11.25 0.92 31.59
CA GLY A 471 -11.22 -0.36 30.91
C GLY A 471 -12.53 -0.59 30.20
N VAL A 472 -12.45 -0.75 28.88
CA VAL A 472 -13.63 -0.80 28.02
C VAL A 472 -13.63 -2.11 27.25
N VAL A 473 -14.77 -2.78 27.25
CA VAL A 473 -15.05 -3.89 26.35
C VAL A 473 -16.08 -3.39 25.34
N SER A 474 -15.69 -3.32 24.08
CA SER A 474 -16.56 -2.80 23.03
C SER A 474 -17.54 -3.88 22.58
N GLN A 475 -18.52 -3.47 21.77
CA GLN A 475 -19.55 -4.41 21.34
C GLN A 475 -18.98 -5.53 20.49
N GLU A 476 -18.08 -5.20 19.56
CA GLU A 476 -17.39 -6.21 18.77
C GLU A 476 -15.90 -6.13 19.05
N PRO A 477 -15.32 -7.11 19.75
CA PRO A 477 -13.89 -7.06 20.02
C PRO A 477 -13.08 -7.14 18.74
N VAL A 478 -11.90 -6.52 18.77
CA VAL A 478 -10.95 -6.59 17.66
C VAL A 478 -9.59 -6.96 18.23
N LEU A 479 -9.07 -8.10 17.82
CA LEU A 479 -7.75 -8.55 18.25
C LEU A 479 -6.72 -8.21 17.17
N PHE A 480 -5.45 -8.39 17.52
CA PHE A 480 -4.35 -8.06 16.62
C PHE A 480 -3.64 -9.34 16.19
N ALA A 481 -2.84 -9.21 15.13
CA ALA A 481 -2.17 -10.35 14.53
C ALA A 481 -0.88 -10.67 15.28
N THR A 482 -1.06 -11.10 16.52
CA THR A 482 0.04 -11.53 17.38
C THR A 482 -0.40 -12.77 18.15
N THR A 483 0.37 -13.15 19.15
CA THR A 483 0.01 -14.29 19.98
C THR A 483 -1.05 -13.88 21.01
N ILE A 484 -1.59 -14.89 21.70
CA ILE A 484 -2.58 -14.62 22.75
C ILE A 484 -1.96 -13.82 23.88
N ALA A 485 -0.75 -14.20 24.30
CA ALA A 485 -0.09 -13.51 25.41
C ALA A 485 0.14 -12.04 25.09
N GLU A 486 0.59 -11.74 23.87
CA GLU A 486 0.77 -10.34 23.47
C GLU A 486 -0.55 -9.59 23.46
N ASN A 487 -1.62 -10.24 22.99
CA ASN A 487 -2.93 -9.59 22.97
C ASN A 487 -3.38 -9.24 24.38
N ILE A 488 -3.16 -10.16 25.33
CA ILE A 488 -3.49 -9.86 26.72
C ILE A 488 -2.61 -8.73 27.25
N ARG A 489 -1.32 -8.78 26.92
CA ARG A 489 -0.37 -7.79 27.43
C ARG A 489 -0.60 -6.40 26.84
N TYR A 490 -1.33 -6.30 25.73
CA TYR A 490 -1.61 -4.98 25.17
C TYR A 490 -2.44 -4.10 26.10
N GLY A 491 -3.12 -4.67 27.09
CA GLY A 491 -3.87 -3.85 28.02
C GLY A 491 -2.98 -2.94 28.84
N ARG A 492 -1.88 -3.49 29.37
CA ARG A 492 -0.91 -2.71 30.13
C ARG A 492 0.47 -3.24 29.82
N GLU A 493 1.41 -2.33 29.59
CA GLU A 493 2.72 -2.71 29.06
C GLU A 493 3.49 -3.57 30.05
N ASN A 494 3.57 -3.15 31.30
CA ASN A 494 4.38 -3.84 32.31
C ASN A 494 3.49 -4.80 33.09
N VAL A 495 3.32 -5.99 32.53
CA VAL A 495 2.47 -7.03 33.12
C VAL A 495 3.28 -8.31 33.20
N THR A 496 3.41 -8.86 34.40
CA THR A 496 4.09 -10.13 34.59
C THR A 496 3.16 -11.28 34.19
N MET A 497 3.74 -12.48 34.07
CA MET A 497 2.95 -13.64 33.68
C MET A 497 1.89 -13.97 34.72
N ASP A 498 2.16 -13.70 36.00
CA ASP A 498 1.19 -14.01 37.04
C ASP A 498 -0.09 -13.21 36.86
N GLU A 499 0.03 -11.92 36.52
CA GLU A 499 -1.16 -11.10 36.30
C GLU A 499 -1.96 -11.61 35.12
N ILE A 500 -1.29 -12.02 34.05
CA ILE A 500 -2.00 -12.55 32.88
C ILE A 500 -2.73 -13.83 33.24
N GLU A 501 -2.07 -14.72 33.99
CA GLU A 501 -2.72 -15.95 34.42
C GLU A 501 -3.95 -15.65 35.28
N LYS A 502 -3.82 -14.71 36.22
CA LYS A 502 -4.95 -14.36 37.06
C LYS A 502 -6.11 -13.81 36.23
N ALA A 503 -5.81 -12.95 35.26
CA ALA A 503 -6.87 -12.35 34.46
C ALA A 503 -7.56 -13.39 33.60
N VAL A 504 -6.80 -14.29 32.95
CA VAL A 504 -7.42 -15.28 32.10
C VAL A 504 -8.13 -16.35 32.92
N LYS A 505 -7.79 -16.52 34.19
CA LYS A 505 -8.60 -17.36 35.06
C LYS A 505 -9.88 -16.65 35.48
N GLU A 506 -9.82 -15.34 35.73
CA GLU A 506 -10.99 -14.59 36.15
C GLU A 506 -12.00 -14.46 35.01
N ALA A 507 -11.52 -14.36 33.77
CA ALA A 507 -12.40 -14.26 32.62
C ALA A 507 -12.80 -15.62 32.05
N ASN A 508 -12.49 -16.71 32.75
CA ASN A 508 -12.87 -18.06 32.33
C ASN A 508 -12.30 -18.41 30.96
N ALA A 509 -11.05 -18.03 30.73
CA ALA A 509 -10.36 -18.35 29.48
C ALA A 509 -9.16 -19.25 29.70
N TYR A 510 -9.02 -19.85 30.89
CA TYR A 510 -7.85 -20.66 31.18
C TYR A 510 -7.90 -22.04 30.54
N ASP A 511 -9.10 -22.58 30.32
CA ASP A 511 -9.20 -23.97 29.89
C ASP A 511 -8.77 -24.15 28.43
N PHE A 512 -9.42 -23.44 27.50
CA PHE A 512 -9.09 -23.64 26.10
C PHE A 512 -7.68 -23.17 25.76
N ILE A 513 -7.16 -22.17 26.49
CA ILE A 513 -5.78 -21.75 26.28
C ILE A 513 -4.81 -22.88 26.59
N MET A 514 -5.03 -23.57 27.70
CA MET A 514 -4.16 -24.70 28.05
C MET A 514 -4.40 -25.88 27.13
N LYS A 515 -5.61 -26.01 26.57
CA LYS A 515 -5.89 -27.12 25.67
C LYS A 515 -5.13 -27.02 24.36
N LEU A 516 -4.80 -25.80 23.92
CA LEU A 516 -4.13 -25.63 22.64
C LEU A 516 -2.63 -25.91 22.76
N PRO A 517 -2.02 -26.49 21.73
CA PRO A 517 -0.56 -26.48 21.64
C PRO A 517 -0.05 -25.06 21.47
N HIS A 518 1.16 -24.83 21.95
CA HIS A 518 1.69 -23.47 22.12
C HIS A 518 0.73 -22.65 22.98
N LYS A 519 0.61 -23.09 24.23
CA LYS A 519 -0.48 -22.71 25.12
C LYS A 519 -0.74 -21.21 25.11
N PHE A 520 0.24 -20.42 25.54
CA PHE A 520 0.11 -18.97 25.57
C PHE A 520 0.74 -18.29 24.37
N ASP A 521 1.31 -19.06 23.44
CA ASP A 521 1.91 -18.51 22.23
C ASP A 521 1.13 -18.86 20.98
N THR A 522 -0.11 -19.31 21.13
CA THR A 522 -0.94 -19.61 19.96
C THR A 522 -1.14 -18.35 19.14
N LEU A 523 -0.94 -18.47 17.83
CA LEU A 523 -0.97 -17.33 16.93
C LEU A 523 -2.39 -17.17 16.40
N VAL A 524 -3.04 -16.08 16.78
CA VAL A 524 -4.36 -15.77 16.25
C VAL A 524 -4.22 -15.03 14.92
N GLY A 525 -5.28 -15.07 14.12
CA GLY A 525 -5.28 -14.46 12.82
C GLY A 525 -5.58 -12.98 12.87
N GLU A 526 -5.66 -12.38 11.68
CA GLU A 526 -5.97 -10.96 11.59
C GLU A 526 -7.37 -10.69 12.13
N ARG A 527 -7.50 -9.64 12.94
CA ARG A 527 -8.76 -9.29 13.59
C ARG A 527 -9.29 -10.43 14.43
N GLY A 528 -8.39 -11.28 14.93
CA GLY A 528 -8.79 -12.43 15.72
C GLY A 528 -9.64 -13.43 14.97
N ALA A 529 -9.44 -13.56 13.66
CA ALA A 529 -10.27 -14.42 12.84
C ALA A 529 -9.93 -15.90 13.00
N GLN A 530 -8.79 -16.24 13.60
CA GLN A 530 -8.43 -17.64 13.78
C GLN A 530 -8.89 -18.19 15.12
N LEU A 531 -9.56 -17.39 15.94
CA LEU A 531 -10.21 -17.88 17.14
C LEU A 531 -11.70 -18.08 16.89
N SER A 532 -12.40 -18.55 17.92
CA SER A 532 -13.82 -18.81 17.83
C SER A 532 -14.60 -17.51 18.02
N GLY A 533 -15.92 -17.63 18.18
CA GLY A 533 -16.72 -16.45 18.43
C GLY A 533 -16.83 -16.08 19.91
N GLY A 534 -16.65 -17.06 20.79
CA GLY A 534 -16.72 -16.80 22.22
C GLY A 534 -15.35 -16.64 22.85
N GLN A 535 -14.36 -17.37 22.32
CA GLN A 535 -12.99 -17.23 22.80
C GLN A 535 -12.48 -15.83 22.56
N LYS A 536 -12.86 -15.22 21.43
CA LYS A 536 -12.49 -13.84 21.15
C LYS A 536 -13.04 -12.89 22.21
N GLN A 537 -14.31 -13.06 22.58
CA GLN A 537 -14.91 -12.21 23.60
C GLN A 537 -14.25 -12.42 24.96
N ARG A 538 -13.94 -13.67 25.30
CA ARG A 538 -13.26 -13.94 26.57
C ARG A 538 -11.88 -13.30 26.60
N ILE A 539 -11.15 -13.35 25.48
CA ILE A 539 -9.84 -12.73 25.42
C ILE A 539 -9.95 -11.22 25.57
N ALA A 540 -10.97 -10.62 24.96
CA ALA A 540 -11.18 -9.18 25.12
C ALA A 540 -11.50 -8.83 26.58
N ILE A 541 -12.31 -9.66 27.24
CA ILE A 541 -12.63 -9.41 28.64
C ILE A 541 -11.39 -9.49 29.50
N ALA A 542 -10.55 -10.50 29.26
CA ALA A 542 -9.30 -10.62 30.01
C ALA A 542 -8.36 -9.45 29.74
N ARG A 543 -8.31 -8.98 28.50
CA ARG A 543 -7.52 -7.80 28.17
C ARG A 543 -7.99 -6.58 28.96
N ALA A 544 -9.31 -6.41 29.08
CA ALA A 544 -9.83 -5.28 29.84
C ALA A 544 -9.56 -5.45 31.33
N LEU A 545 -9.62 -6.68 31.84
CA LEU A 545 -9.41 -6.92 33.27
C LEU A 545 -7.95 -6.78 33.68
N VAL A 546 -7.01 -7.00 32.75
CA VAL A 546 -5.60 -6.80 33.07
C VAL A 546 -5.34 -5.35 33.45
N ARG A 547 -6.02 -4.41 32.79
CA ARG A 547 -5.79 -2.99 33.03
C ARG A 547 -6.03 -2.59 34.48
N ASN A 548 -6.91 -3.32 35.18
CA ASN A 548 -7.28 -3.01 36.56
C ASN A 548 -7.79 -1.57 36.64
N PRO A 549 -8.95 -1.28 36.08
CA PRO A 549 -9.38 0.10 35.90
C PRO A 549 -10.24 0.62 37.04
N LYS A 550 -10.19 1.95 37.20
CA LYS A 550 -11.11 2.62 38.11
C LYS A 550 -12.53 2.56 37.58
N ILE A 551 -12.70 2.79 36.27
CA ILE A 551 -14.00 2.79 35.61
C ILE A 551 -14.01 1.69 34.56
N LEU A 552 -15.02 0.83 34.62
CA LEU A 552 -15.20 -0.26 33.67
C LEU A 552 -16.47 -0.02 32.86
N LEU A 553 -16.35 -0.17 31.54
CA LEU A 553 -17.46 0.06 30.62
C LEU A 553 -17.62 -1.18 29.75
N LEU A 554 -18.71 -1.92 29.92
CA LEU A 554 -18.99 -3.11 29.14
C LEU A 554 -20.10 -2.81 28.14
N ASP A 555 -19.88 -3.17 26.88
CA ASP A 555 -20.88 -2.98 25.82
C ASP A 555 -21.26 -4.37 25.29
N GLU A 556 -22.24 -4.99 25.95
CA GLU A 556 -22.76 -6.30 25.56
C GLU A 556 -21.64 -7.34 25.45
N ALA A 557 -20.92 -7.50 26.55
CA ALA A 557 -19.85 -8.50 26.65
C ALA A 557 -20.38 -9.86 27.08
N THR A 558 -21.69 -10.05 27.08
CA THR A 558 -22.31 -11.30 27.55
C THR A 558 -23.08 -12.01 26.45
N SER A 559 -22.78 -11.72 25.18
CA SER A 559 -23.55 -12.25 24.07
C SER A 559 -23.06 -13.62 23.63
N ALA A 560 -21.79 -13.72 23.22
CA ALA A 560 -21.29 -14.96 22.66
C ALA A 560 -21.14 -16.05 23.72
N LEU A 561 -20.99 -15.67 24.98
CA LEU A 561 -20.79 -16.65 26.04
C LEU A 561 -22.08 -17.40 26.32
N ASP A 562 -21.94 -18.68 26.64
CA ASP A 562 -23.07 -19.51 27.04
C ASP A 562 -23.40 -19.22 28.50
N THR A 563 -24.27 -20.04 29.10
CA THR A 563 -24.76 -19.75 30.45
C THR A 563 -23.67 -19.98 31.50
N GLU A 564 -22.93 -21.09 31.40
CA GLU A 564 -21.93 -21.39 32.41
C GLU A 564 -20.82 -20.35 32.42
N SER A 565 -20.29 -20.02 31.24
CA SER A 565 -19.24 -19.01 31.15
C SER A 565 -19.75 -17.65 31.61
N GLU A 566 -20.99 -17.31 31.27
CA GLU A 566 -21.56 -16.04 31.72
C GLU A 566 -21.66 -16.00 33.24
N ALA A 567 -22.10 -17.09 33.85
CA ALA A 567 -22.19 -17.13 35.31
C ALA A 567 -20.82 -17.00 35.96
N VAL A 568 -19.82 -17.69 35.41
CA VAL A 568 -18.47 -17.61 35.97
C VAL A 568 -17.93 -16.19 35.86
N VAL A 569 -18.10 -15.57 34.70
CA VAL A 569 -17.60 -14.21 34.50
C VAL A 569 -18.32 -13.24 35.43
N GLN A 570 -19.64 -13.40 35.58
CA GLN A 570 -20.40 -12.49 36.43
C GLN A 570 -19.97 -12.63 37.89
N VAL A 571 -19.75 -13.86 38.35
CA VAL A 571 -19.29 -14.07 39.73
C VAL A 571 -17.94 -13.42 39.93
N ALA A 572 -17.00 -13.66 39.00
CA ALA A 572 -15.66 -13.09 39.14
C ALA A 572 -15.70 -11.57 39.13
N LEU A 573 -16.54 -10.99 38.28
CA LEU A 573 -16.67 -9.53 38.23
C LEU A 573 -17.29 -8.98 39.51
N ASP A 574 -18.33 -9.63 40.04
CA ASP A 574 -18.98 -9.13 41.25
C ASP A 574 -18.10 -9.31 42.48
N LYS A 575 -17.11 -10.21 42.40
CA LYS A 575 -16.22 -10.40 43.55
C LYS A 575 -15.45 -9.14 43.90
N ALA A 576 -15.10 -8.33 42.91
CA ALA A 576 -14.34 -7.11 43.12
C ALA A 576 -15.11 -5.88 42.65
N ARG A 577 -16.43 -5.90 42.81
CA ARG A 577 -17.26 -4.81 42.31
C ARG A 577 -17.17 -3.57 43.20
N LYS A 578 -16.85 -3.74 44.48
CA LYS A 578 -16.92 -2.64 45.44
C LYS A 578 -15.96 -1.51 45.07
N GLY A 579 -14.73 -1.86 44.67
CA GLY A 579 -13.73 -0.83 44.40
C GLY A 579 -13.84 -0.18 43.04
N ARG A 580 -14.70 -0.70 42.15
CA ARG A 580 -14.81 -0.17 40.81
C ARG A 580 -16.10 0.64 40.64
N THR A 581 -16.09 1.50 39.62
CA THR A 581 -17.30 2.07 39.05
C THR A 581 -17.58 1.34 37.75
N THR A 582 -18.83 0.94 37.55
CA THR A 582 -19.18 0.06 36.43
C THR A 582 -20.36 0.61 35.64
N ILE A 583 -20.28 0.47 34.33
CA ILE A 583 -21.40 0.72 33.43
C ILE A 583 -21.55 -0.49 32.53
N VAL A 584 -22.77 -1.02 32.43
CA VAL A 584 -23.04 -2.23 31.67
C VAL A 584 -24.15 -1.94 30.67
N ILE A 585 -23.92 -2.33 29.41
CA ILE A 585 -24.93 -2.27 28.36
C ILE A 585 -25.33 -3.70 28.01
N ALA A 586 -26.62 -3.99 28.08
CA ALA A 586 -27.08 -5.34 27.80
C ALA A 586 -28.53 -5.31 27.33
N HIS A 587 -28.85 -6.27 26.45
CA HIS A 587 -30.23 -6.50 26.03
C HIS A 587 -30.91 -7.63 26.78
N ARG A 588 -30.16 -8.63 27.22
CA ARG A 588 -30.71 -9.62 28.13
C ARG A 588 -31.03 -8.96 29.47
N LEU A 589 -32.01 -9.52 30.17
CA LEU A 589 -32.47 -8.94 31.43
C LEU A 589 -32.06 -9.72 32.65
N SER A 590 -31.65 -10.98 32.51
CA SER A 590 -31.15 -11.72 33.67
C SER A 590 -29.86 -11.13 34.19
N THR A 591 -28.99 -10.64 33.30
CA THR A 591 -27.75 -10.00 33.74
C THR A 591 -28.01 -8.64 34.35
N VAL A 592 -29.13 -8.00 33.98
CA VAL A 592 -29.49 -6.70 34.54
C VAL A 592 -30.24 -6.82 35.86
N ARG A 593 -30.68 -8.04 36.22
CA ARG A 593 -31.45 -8.21 37.44
C ARG A 593 -30.64 -7.82 38.68
N ASN A 594 -29.36 -8.18 38.70
CA ASN A 594 -28.50 -7.91 39.85
C ASN A 594 -27.73 -6.60 39.71
N ALA A 595 -28.24 -5.66 38.92
CA ALA A 595 -27.61 -4.37 38.77
C ALA A 595 -28.04 -3.42 39.89
N ASP A 596 -27.12 -2.55 40.29
CA ASP A 596 -27.41 -1.62 41.38
C ASP A 596 -28.52 -0.64 40.98
N VAL A 597 -28.46 -0.10 39.77
CA VAL A 597 -29.46 0.82 39.28
C VAL A 597 -29.65 0.61 37.79
N ILE A 598 -30.91 0.67 37.34
CA ILE A 598 -31.28 0.43 35.96
C ILE A 598 -31.95 1.70 35.42
N ALA A 599 -31.57 2.11 34.22
CA ALA A 599 -32.08 3.31 33.60
C ALA A 599 -32.52 3.02 32.17
N GLY A 600 -33.47 3.81 31.68
CA GLY A 600 -34.07 3.57 30.39
C GLY A 600 -33.88 4.69 29.38
N PHE A 601 -33.43 4.33 28.19
CA PHE A 601 -33.26 5.30 27.12
C PHE A 601 -34.54 5.45 26.30
N ASP A 602 -34.79 6.67 25.84
CA ASP A 602 -35.93 6.95 24.97
C ASP A 602 -35.66 8.25 24.25
N ASP A 603 -35.62 8.21 22.92
CA ASP A 603 -35.36 9.39 22.08
C ASP A 603 -34.02 10.02 22.42
N GLY A 604 -33.10 9.25 22.99
CA GLY A 604 -31.79 9.71 23.39
C GLY A 604 -31.74 10.24 24.82
N VAL A 605 -32.88 10.50 25.43
CA VAL A 605 -32.95 11.04 26.78
C VAL A 605 -33.27 9.90 27.74
N ILE A 606 -32.72 9.99 28.95
CA ILE A 606 -33.03 9.02 29.98
C ILE A 606 -34.39 9.36 30.58
N VAL A 607 -35.23 8.35 30.77
CA VAL A 607 -36.59 8.54 31.25
C VAL A 607 -36.85 7.88 32.59
N GLU A 608 -36.31 6.68 32.79
CA GLU A 608 -36.57 5.92 34.01
C GLU A 608 -35.29 5.78 34.83
N LYS A 609 -35.48 5.60 36.14
CA LYS A 609 -34.39 5.41 37.08
C LYS A 609 -34.94 4.71 38.31
N GLY A 610 -34.03 4.11 39.07
CA GLY A 610 -34.38 3.42 40.30
C GLY A 610 -33.99 1.97 40.26
N ASN A 611 -34.37 1.26 41.33
CA ASN A 611 -34.06 -0.14 41.47
C ASN A 611 -34.97 -0.99 40.59
N HIS A 612 -34.79 -2.30 40.65
CA HIS A 612 -35.60 -3.22 39.85
C HIS A 612 -37.06 -3.17 40.26
N ASP A 613 -37.32 -3.26 41.57
CA ASP A 613 -38.70 -3.30 42.05
C ASP A 613 -39.42 -1.98 41.79
N GLU A 614 -38.73 -0.85 42.00
CA GLU A 614 -39.35 0.45 41.73
C GLU A 614 -39.71 0.61 40.27
N LEU A 615 -38.83 0.18 39.36
CA LEU A 615 -39.12 0.27 37.94
C LEU A 615 -40.25 -0.67 37.55
N MET A 616 -40.28 -1.86 38.14
CA MET A 616 -41.39 -2.78 37.87
C MET A 616 -42.72 -2.21 38.31
N LYS A 617 -42.75 -1.56 39.48
CA LYS A 617 -43.96 -0.88 39.92
C LYS A 617 -44.27 0.32 39.03
N GLU A 618 -43.25 0.92 38.42
CA GLU A 618 -43.46 2.08 37.56
C GLU A 618 -44.09 1.71 36.23
N LYS A 619 -44.17 0.40 35.92
CA LYS A 619 -44.74 -0.13 34.68
C LYS A 619 -44.33 0.68 33.46
N GLY A 620 -43.03 0.90 33.34
CA GLY A 620 -42.44 1.66 32.26
C GLY A 620 -41.82 0.80 31.18
N ILE A 621 -40.77 1.33 30.55
CA ILE A 621 -40.10 0.61 29.47
C ILE A 621 -39.47 -0.68 29.98
N TYR A 622 -38.83 -0.61 31.16
CA TYR A 622 -38.21 -1.80 31.73
C TYR A 622 -39.24 -2.88 32.02
N PHE A 623 -40.40 -2.50 32.57
CA PHE A 623 -41.45 -3.47 32.84
C PHE A 623 -41.97 -4.09 31.55
N LYS A 624 -42.15 -3.28 30.51
CA LYS A 624 -42.63 -3.80 29.24
C LYS A 624 -41.64 -4.79 28.64
N LEU A 625 -40.35 -4.45 28.69
CA LEU A 625 -39.33 -5.35 28.16
C LEU A 625 -39.27 -6.65 28.96
N VAL A 626 -39.39 -6.56 30.28
CA VAL A 626 -39.37 -7.76 31.12
C VAL A 626 -40.57 -8.65 30.80
N THR A 627 -41.75 -8.04 30.66
CA THR A 627 -42.95 -8.80 30.33
C THR A 627 -42.83 -9.46 28.96
N MET A 628 -42.29 -8.74 27.97
CA MET A 628 -42.09 -9.34 26.65
C MET A 628 -41.10 -10.48 26.70
N GLN A 629 -40.03 -10.33 27.49
CA GLN A 629 -39.06 -11.41 27.65
C GLN A 629 -39.63 -12.58 28.45
N THR A 630 -40.68 -12.33 29.24
CA THR A 630 -41.33 -13.32 30.11
C THR A 630 -40.37 -14.31 30.75
N ILE A 692 11.29 -20.48 -4.41
CA ILE A 692 11.84 -19.19 -4.80
C ILE A 692 12.60 -19.32 -6.12
N PRO A 693 11.88 -19.43 -7.23
CA PRO A 693 12.53 -19.60 -8.52
C PRO A 693 12.93 -18.26 -9.11
N PRO A 694 14.21 -18.07 -9.42
CA PRO A 694 14.66 -16.82 -10.05
C PRO A 694 14.24 -16.78 -11.51
N VAL A 695 13.79 -15.61 -11.97
CA VAL A 695 13.32 -15.44 -13.33
C VAL A 695 14.01 -14.22 -13.94
N SER A 696 14.36 -14.30 -15.22
CA SER A 696 15.18 -13.29 -15.86
C SER A 696 14.43 -12.06 -16.32
N PHE A 697 13.11 -11.98 -16.11
CA PHE A 697 12.29 -10.81 -16.43
C PHE A 697 12.09 -10.71 -17.94
N TRP A 698 12.82 -11.53 -18.69
CA TRP A 698 12.59 -11.66 -20.12
C TRP A 698 11.23 -12.31 -20.34
N ARG A 699 10.73 -13.01 -19.33
CA ARG A 699 9.35 -13.49 -19.39
C ARG A 699 8.36 -12.34 -19.36
N ILE A 700 8.66 -11.29 -18.57
CA ILE A 700 7.83 -10.10 -18.61
C ILE A 700 7.95 -9.41 -19.96
N MET A 701 9.17 -9.33 -20.50
CA MET A 701 9.34 -8.86 -21.87
C MET A 701 8.43 -9.61 -22.85
N LYS A 702 8.41 -10.94 -22.75
CA LYS A 702 7.55 -11.75 -23.60
C LYS A 702 6.08 -11.43 -23.35
N LEU A 703 5.72 -11.17 -22.09
CA LEU A 703 4.35 -10.78 -21.77
C LEU A 703 3.98 -9.47 -22.43
N ASN A 704 4.98 -8.62 -22.67
CA ASN A 704 4.76 -7.37 -23.41
C ASN A 704 4.81 -7.55 -24.94
N LEU A 705 4.62 -8.77 -25.45
CA LEU A 705 4.81 -9.02 -26.88
C LEU A 705 3.77 -8.29 -27.72
N THR A 706 2.54 -8.17 -27.22
CA THR A 706 1.44 -7.63 -28.00
C THR A 706 1.72 -6.22 -28.52
N GLU A 707 2.44 -5.42 -27.73
CA GLU A 707 2.82 -4.07 -28.15
C GLU A 707 4.24 -4.11 -28.70
N TRP A 708 4.44 -4.95 -29.72
CA TRP A 708 5.74 -5.05 -30.37
C TRP A 708 6.04 -3.89 -31.34
N PRO A 709 5.06 -3.35 -32.09
CA PRO A 709 5.41 -2.23 -32.98
C PRO A 709 5.95 -1.02 -32.23
N TYR A 710 5.44 -0.76 -31.02
CA TYR A 710 5.99 0.32 -30.20
C TYR A 710 7.47 0.08 -29.93
N PHE A 711 7.84 -1.14 -29.55
CA PHE A 711 9.23 -1.46 -29.30
C PHE A 711 10.08 -1.32 -30.55
N VAL A 712 9.54 -1.75 -31.70
CA VAL A 712 10.30 -1.66 -32.94
C VAL A 712 10.60 -0.22 -33.29
N VAL A 713 9.58 0.63 -33.27
CA VAL A 713 9.79 2.05 -33.58
C VAL A 713 10.73 2.68 -32.56
N GLY A 714 10.57 2.35 -31.28
CA GLY A 714 11.44 2.93 -30.26
C GLY A 714 12.89 2.54 -30.46
N VAL A 715 13.15 1.26 -30.73
CA VAL A 715 14.52 0.81 -30.92
C VAL A 715 15.15 1.44 -32.15
N PHE A 716 14.40 1.48 -33.26
CA PHE A 716 14.94 2.09 -34.47
C PHE A 716 15.25 3.57 -34.26
N CYS A 717 14.34 4.29 -33.61
CA CYS A 717 14.59 5.71 -33.36
C CYS A 717 15.75 5.92 -32.41
N ALA A 718 15.87 5.07 -31.38
CA ALA A 718 16.98 5.19 -30.44
C ALA A 718 18.31 4.94 -31.14
N ILE A 719 18.34 3.94 -32.02
CA ILE A 719 19.55 3.68 -32.80
C ILE A 719 19.89 4.90 -33.66
N ILE A 720 18.87 5.54 -34.26
CA ILE A 720 19.15 6.69 -35.10
C ILE A 720 19.72 7.85 -34.29
N ASN A 721 19.09 8.19 -33.17
CA ASN A 721 19.53 9.39 -32.46
C ASN A 721 20.65 9.12 -31.46
N GLY A 722 21.07 7.87 -31.29
CA GLY A 722 22.16 7.57 -30.38
C GLY A 722 23.49 7.49 -31.08
N GLY A 723 23.48 7.05 -32.33
CA GLY A 723 24.67 6.92 -33.14
C GLY A 723 25.05 8.14 -33.94
N LEU A 724 24.50 9.31 -33.60
CA LEU A 724 24.80 10.54 -34.31
C LEU A 724 25.85 11.39 -33.60
N GLN A 725 25.90 11.32 -32.28
CA GLN A 725 26.88 12.10 -31.53
C GLN A 725 28.32 11.72 -31.90
N PRO A 726 28.71 10.44 -31.97
CA PRO A 726 30.03 10.13 -32.53
C PRO A 726 30.19 10.58 -33.98
N ALA A 727 29.13 10.52 -34.78
CA ALA A 727 29.23 10.96 -36.16
C ALA A 727 29.47 12.46 -36.27
N PHE A 728 29.19 13.21 -35.20
CA PHE A 728 29.60 14.61 -35.18
C PHE A 728 31.11 14.75 -35.30
N ALA A 729 31.87 13.74 -34.88
CA ALA A 729 33.31 13.77 -35.08
C ALA A 729 33.67 13.74 -36.56
N ILE A 730 33.00 12.87 -37.32
CA ILE A 730 33.23 12.84 -38.76
C ILE A 730 32.82 14.16 -39.40
N ILE A 731 31.69 14.72 -38.96
CA ILE A 731 31.26 15.99 -39.51
C ILE A 731 32.30 17.08 -39.24
N PHE A 732 32.84 17.10 -38.02
CA PHE A 732 33.86 18.09 -37.67
C PHE A 732 35.13 17.89 -38.48
N SER A 733 35.55 16.64 -38.70
CA SER A 733 36.73 16.40 -39.52
C SER A 733 36.49 16.85 -40.96
N LYS A 734 35.28 16.66 -41.47
CA LYS A 734 34.99 17.09 -42.83
C LYS A 734 35.02 18.61 -42.95
N ILE A 735 34.49 19.33 -41.95
CA ILE A 735 34.56 20.78 -42.04
C ILE A 735 35.97 21.28 -41.73
N ILE A 736 36.81 20.45 -41.10
CA ILE A 736 38.23 20.76 -41.03
C ILE A 736 38.85 20.69 -42.42
N GLY A 737 38.52 19.64 -43.18
CA GLY A 737 39.08 19.49 -44.52
C GLY A 737 38.60 20.55 -45.48
N VAL A 738 37.34 20.97 -45.36
CA VAL A 738 36.81 21.94 -46.31
C VAL A 738 37.54 23.27 -46.19
N PHE A 739 38.08 23.58 -45.01
CA PHE A 739 38.87 24.80 -44.84
C PHE A 739 40.24 24.66 -45.49
N THR A 740 40.89 23.51 -45.30
CA THR A 740 42.23 23.28 -45.82
C THR A 740 42.18 22.90 -47.30
N ARG A 741 41.55 23.77 -48.09
CA ARG A 741 41.46 23.57 -49.54
C ARG A 741 42.59 24.35 -50.20
N ILE A 742 42.61 24.40 -51.54
CA ILE A 742 43.78 24.94 -52.24
C ILE A 742 43.47 26.30 -52.88
N ASP A 743 42.25 26.48 -53.39
CA ASP A 743 41.93 27.66 -54.19
C ASP A 743 40.49 28.07 -53.98
N ASP A 744 40.10 29.20 -54.64
CA ASP A 744 38.74 29.69 -54.84
C ASP A 744 38.03 29.77 -53.49
N PRO A 745 38.19 30.89 -52.73
CA PRO A 745 37.57 30.99 -51.42
C PRO A 745 36.04 31.07 -51.57
N GLU A 746 35.54 31.34 -52.79
CA GLU A 746 34.08 31.47 -52.88
C GLU A 746 33.38 30.18 -52.47
N THR A 747 33.98 29.02 -52.78
CA THR A 747 33.38 27.74 -52.42
C THR A 747 33.32 27.57 -50.91
N LYS A 748 34.22 28.23 -50.17
CA LYS A 748 34.10 28.25 -48.71
C LYS A 748 32.81 28.92 -48.28
N ARG A 749 32.44 30.02 -48.95
CA ARG A 749 31.14 30.61 -48.72
C ARG A 749 30.03 29.67 -49.17
N GLN A 750 30.30 28.82 -50.17
CA GLN A 750 29.28 27.93 -50.70
C GLN A 750 29.27 26.58 -49.97
N ASN A 751 30.39 25.85 -50.02
CA ASN A 751 30.41 24.49 -49.49
C ASN A 751 30.11 24.48 -47.99
N SER A 752 30.75 25.38 -47.24
CA SER A 752 30.45 25.47 -45.81
C SER A 752 29.00 25.82 -45.57
N ASN A 753 28.42 26.65 -46.45
CA ASN A 753 26.99 26.94 -46.37
C ASN A 753 26.16 25.68 -46.36
N LEU A 754 26.56 24.68 -47.16
CA LEU A 754 25.86 23.40 -47.16
C LEU A 754 25.82 22.81 -45.75
N PHE A 755 26.96 22.84 -45.06
CA PHE A 755 26.99 22.34 -43.68
C PHE A 755 26.06 23.12 -42.79
N SER A 756 25.92 24.43 -43.02
CA SER A 756 25.00 25.24 -42.23
C SER A 756 23.58 24.72 -42.32
N LEU A 757 23.22 24.09 -43.44
CA LEU A 757 21.91 23.46 -43.53
C LEU A 757 21.85 22.17 -42.73
N LEU A 758 22.92 21.37 -42.79
CA LEU A 758 22.89 20.04 -42.20
C LEU A 758 22.61 20.11 -40.70
N PHE A 759 23.34 20.98 -39.99
CA PHE A 759 23.10 21.12 -38.55
C PHE A 759 21.66 21.51 -38.27
N LEU A 760 21.06 22.32 -39.15
CA LEU A 760 19.64 22.63 -39.01
C LEU A 760 18.80 21.40 -39.26
N ALA A 761 19.09 20.69 -40.37
CA ALA A 761 18.24 19.57 -40.77
C ALA A 761 18.19 18.52 -39.68
N LEU A 762 19.36 18.13 -39.14
CA LEU A 762 19.39 17.17 -38.05
C LEU A 762 18.47 17.58 -36.91
N GLY A 763 18.45 18.87 -36.58
CA GLY A 763 17.57 19.33 -35.51
C GLY A 763 16.13 18.98 -35.78
N ILE A 764 15.67 19.20 -37.01
CA ILE A 764 14.30 18.86 -37.35
C ILE A 764 14.05 17.37 -37.18
N ILE A 765 15.03 16.54 -37.56
CA ILE A 765 14.90 15.11 -37.28
C ILE A 765 14.96 14.86 -35.77
N SER A 766 15.84 15.58 -35.06
CA SER A 766 15.99 15.34 -33.63
C SER A 766 14.69 15.55 -32.89
N PHE A 767 13.98 16.64 -33.16
CA PHE A 767 12.68 16.87 -32.56
C PHE A 767 11.75 15.71 -32.86
N ILE A 768 11.75 15.22 -34.10
CA ILE A 768 10.92 14.09 -34.46
C ILE A 768 11.38 12.83 -33.73
N THR A 769 12.69 12.67 -33.54
CA THR A 769 13.19 11.41 -33.01
C THR A 769 13.15 11.38 -31.48
N PHE A 770 13.75 12.39 -30.84
CA PHE A 770 13.83 12.37 -29.38
C PHE A 770 12.45 12.29 -28.74
N PHE A 771 11.42 12.79 -29.43
CA PHE A 771 10.05 12.55 -28.99
C PHE A 771 9.71 11.06 -29.07
N LEU A 772 9.72 10.51 -30.28
CA LEU A 772 9.24 9.15 -30.50
C LEU A 772 9.98 8.14 -29.64
N GLN A 773 11.31 8.29 -29.55
CA GLN A 773 12.12 7.36 -28.76
C GLN A 773 11.57 7.20 -27.36
N GLY A 774 11.13 8.30 -26.75
CA GLY A 774 10.58 8.21 -25.41
C GLY A 774 9.12 7.80 -25.42
N PHE A 775 8.39 8.21 -26.46
CA PHE A 775 6.94 8.04 -26.46
C PHE A 775 6.57 6.58 -26.61
N THR A 776 6.99 5.95 -27.70
CA THR A 776 6.62 4.56 -27.94
C THR A 776 7.06 3.66 -26.80
N PHE A 777 8.25 3.90 -26.25
CA PHE A 777 8.65 3.19 -25.04
C PHE A 777 7.79 3.62 -23.86
N GLY A 778 7.65 4.93 -23.65
CA GLY A 778 6.94 5.40 -22.46
C GLY A 778 5.49 4.95 -22.43
N LYS A 779 4.82 5.00 -23.58
CA LYS A 779 3.47 4.44 -23.66
C LYS A 779 3.48 2.94 -23.39
N ALA A 780 4.45 2.23 -23.98
CA ALA A 780 4.48 0.77 -23.83
C ALA A 780 4.63 0.33 -22.39
N GLY A 781 5.31 1.13 -21.55
CA GLY A 781 5.31 0.84 -20.13
C GLY A 781 3.94 0.98 -19.50
N GLU A 782 3.26 2.10 -19.81
CA GLU A 782 1.96 2.35 -19.20
C GLU A 782 0.95 1.26 -19.55
N ILE A 783 1.00 0.76 -20.78
CA ILE A 783 0.12 -0.33 -21.17
C ILE A 783 0.41 -1.57 -20.33
N LEU A 784 1.70 -1.87 -20.12
CA LEU A 784 2.05 -3.12 -19.47
C LEU A 784 1.80 -3.06 -17.96
N THR A 785 2.14 -1.94 -17.32
CA THR A 785 2.00 -1.82 -15.87
C THR A 785 0.58 -2.13 -15.43
N LYS A 786 -0.40 -1.52 -16.09
CA LYS A 786 -1.80 -1.84 -15.81
C LYS A 786 -2.05 -3.33 -15.97
N ARG A 787 -1.62 -3.90 -17.09
CA ARG A 787 -1.79 -5.34 -17.30
C ARG A 787 -1.06 -6.14 -16.24
N LEU A 788 0.00 -5.59 -15.67
CA LEU A 788 0.72 -6.31 -14.62
C LEU A 788 -0.03 -6.29 -13.30
N ARG A 789 -0.85 -5.28 -13.06
CA ARG A 789 -1.65 -5.26 -11.83
C ARG A 789 -2.96 -6.01 -12.03
N TYR A 790 -3.64 -5.74 -13.14
CA TYR A 790 -4.94 -6.35 -13.39
C TYR A 790 -4.88 -7.87 -13.29
N MET A 791 -3.81 -8.47 -13.81
CA MET A 791 -3.67 -9.91 -13.68
C MET A 791 -3.38 -10.32 -12.24
N VAL A 792 -2.47 -9.61 -11.57
CA VAL A 792 -2.05 -10.03 -10.24
C VAL A 792 -3.22 -10.00 -9.26
N PHE A 793 -3.99 -8.91 -9.28
CA PHE A 793 -5.19 -8.86 -8.45
C PHE A 793 -6.20 -9.92 -8.88
N ARG A 794 -6.24 -10.25 -10.17
CA ARG A 794 -7.12 -11.32 -10.63
C ARG A 794 -6.67 -12.67 -10.10
N SER A 795 -5.43 -12.78 -9.62
CA SER A 795 -4.92 -14.07 -9.14
C SER A 795 -5.21 -14.30 -7.66
N MET A 796 -4.86 -13.33 -6.80
CA MET A 796 -5.17 -13.50 -5.38
C MET A 796 -6.67 -13.56 -5.13
N LEU A 797 -7.46 -12.90 -5.99
CA LEU A 797 -8.90 -12.98 -5.88
C LEU A 797 -9.42 -14.37 -6.19
N ARG A 798 -8.60 -15.24 -6.79
CA ARG A 798 -8.97 -16.61 -7.10
C ARG A 798 -8.49 -17.60 -6.06
N GLN A 799 -7.46 -17.25 -5.29
CA GLN A 799 -6.79 -18.21 -4.42
C GLN A 799 -7.74 -18.75 -3.35
N ASP A 800 -7.39 -19.92 -2.84
CA ASP A 800 -8.19 -20.60 -1.84
C ASP A 800 -8.18 -19.79 -0.53
N VAL A 801 -9.18 -20.07 0.31
CA VAL A 801 -9.27 -19.38 1.60
C VAL A 801 -8.09 -19.76 2.49
N SER A 802 -7.66 -21.03 2.42
CA SER A 802 -6.51 -21.46 3.21
C SER A 802 -5.25 -20.68 2.88
N TRP A 803 -5.15 -20.11 1.67
CA TRP A 803 -4.01 -19.29 1.33
C TRP A 803 -4.00 -17.99 2.15
N PHE A 804 -5.16 -17.45 2.47
CA PHE A 804 -5.26 -16.21 3.23
C PHE A 804 -5.02 -16.41 4.72
N ASP A 805 -4.98 -17.65 5.20
CA ASP A 805 -4.68 -17.94 6.59
C ASP A 805 -3.19 -18.07 6.85
N ASP A 806 -2.37 -18.01 5.82
CA ASP A 806 -0.92 -18.06 6.00
C ASP A 806 -0.46 -16.76 6.67
N PRO A 807 0.29 -16.84 7.78
CA PRO A 807 0.76 -15.61 8.43
C PRO A 807 1.57 -14.71 7.53
N LYS A 808 2.29 -15.27 6.55
CA LYS A 808 3.02 -14.44 5.59
C LYS A 808 2.08 -13.61 4.73
N ASN A 809 0.83 -14.03 4.57
CA ASN A 809 -0.16 -13.32 3.76
C ASN A 809 -1.13 -12.62 4.68
N THR A 810 -1.07 -11.29 4.70
CA THR A 810 -1.98 -10.46 5.48
C THR A 810 -2.33 -9.26 4.63
N THR A 811 -3.41 -8.57 5.00
CA THR A 811 -3.90 -7.44 4.21
C THR A 811 -2.79 -6.44 3.92
N GLY A 812 -1.95 -6.13 4.92
CA GLY A 812 -0.86 -5.21 4.69
C GLY A 812 0.17 -5.74 3.73
N ALA A 813 0.54 -7.02 3.89
CA ALA A 813 1.53 -7.62 3.00
C ALA A 813 1.04 -7.59 1.55
N LEU A 814 -0.22 -7.99 1.34
CA LEU A 814 -0.76 -8.03 -0.01
C LEU A 814 -0.90 -6.64 -0.61
N THR A 815 -1.42 -5.68 0.17
CA THR A 815 -1.60 -4.33 -0.35
C THR A 815 -0.28 -3.61 -0.58
N THR A 816 0.77 -3.95 0.17
CA THR A 816 2.09 -3.44 -0.12
C THR A 816 2.67 -4.08 -1.37
N ARG A 817 2.51 -5.40 -1.50
CA ARG A 817 3.04 -6.13 -2.64
C ARG A 817 2.46 -5.61 -3.95
N LEU A 818 1.14 -5.37 -3.98
CA LEU A 818 0.48 -4.90 -5.19
C LEU A 818 1.16 -3.66 -5.75
N ALA A 819 1.42 -2.66 -4.91
CA ALA A 819 2.04 -1.45 -5.40
C ALA A 819 3.54 -1.65 -5.65
N ASN A 820 4.20 -2.38 -4.75
CA ASN A 820 5.65 -2.45 -4.76
C ASN A 820 6.17 -3.18 -6.00
N ASP A 821 5.59 -4.34 -6.31
CA ASP A 821 6.08 -5.12 -7.44
C ASP A 821 5.95 -4.34 -8.74
N ALA A 822 4.78 -3.77 -8.99
CA ALA A 822 4.54 -3.05 -10.23
C ALA A 822 5.42 -1.80 -10.31
N ALA A 823 5.56 -1.06 -9.22
CA ALA A 823 6.39 0.15 -9.26
C ALA A 823 7.85 -0.21 -9.53
N GLN A 824 8.35 -1.26 -8.88
CA GLN A 824 9.74 -1.66 -9.10
C GLN A 824 9.97 -2.12 -10.53
N VAL A 825 9.03 -2.86 -11.11
CA VAL A 825 9.18 -3.26 -12.50
C VAL A 825 9.14 -2.04 -13.43
N LYS A 826 8.20 -1.13 -13.20
CA LYS A 826 8.08 0.05 -14.05
C LYS A 826 9.31 0.95 -13.95
N GLY A 827 9.99 0.97 -12.80
CA GLY A 827 11.16 1.81 -12.69
C GLY A 827 12.23 1.49 -13.71
N ALA A 828 12.40 0.20 -14.02
CA ALA A 828 13.42 -0.23 -14.97
C ALA A 828 12.85 -0.51 -16.36
N ILE A 829 11.52 -0.61 -16.47
CA ILE A 829 10.91 -1.02 -17.72
C ILE A 829 10.40 0.19 -18.51
N GLY A 830 10.32 1.34 -17.85
CA GLY A 830 9.69 2.50 -18.45
C GLY A 830 10.54 3.21 -19.48
N SER A 831 10.50 4.54 -19.47
CA SER A 831 11.30 5.33 -20.39
C SER A 831 12.79 5.30 -20.06
N ARG A 832 13.17 4.77 -18.90
CA ARG A 832 14.57 4.68 -18.55
C ARG A 832 15.33 3.74 -19.48
N LEU A 833 14.64 2.76 -20.06
CA LEU A 833 15.26 1.86 -21.01
C LEU A 833 15.59 2.54 -22.34
N ALA A 834 14.88 3.61 -22.69
CA ALA A 834 15.16 4.32 -23.92
C ALA A 834 16.57 4.92 -23.90
N VAL A 835 16.96 5.55 -22.79
CA VAL A 835 18.29 6.14 -22.72
C VAL A 835 19.36 5.05 -22.66
N ILE A 836 19.06 3.90 -22.06
CA ILE A 836 20.02 2.80 -22.06
C ILE A 836 20.26 2.32 -23.49
N THR A 837 19.18 2.16 -24.26
CA THR A 837 19.34 1.76 -25.66
C THR A 837 20.09 2.82 -26.46
N GLN A 838 19.78 4.10 -26.21
CA GLN A 838 20.46 5.19 -26.91
C GLN A 838 21.96 5.16 -26.62
N ASN A 839 22.33 4.97 -25.37
CA ASN A 839 23.74 4.99 -24.99
C ASN A 839 24.48 3.75 -25.48
N ILE A 840 23.81 2.59 -25.49
CA ILE A 840 24.43 1.40 -26.09
C ILE A 840 24.68 1.64 -27.58
N ALA A 841 23.72 2.24 -28.27
CA ALA A 841 23.91 2.57 -29.68
C ALA A 841 25.04 3.57 -29.86
N ASN A 842 25.15 4.53 -28.95
CA ASN A 842 26.24 5.50 -29.02
C ASN A 842 27.59 4.82 -28.89
N LEU A 843 27.72 3.92 -27.93
CA LEU A 843 28.98 3.18 -27.76
C LEU A 843 29.29 2.35 -29.00
N GLY A 844 28.28 1.66 -29.54
CA GLY A 844 28.51 0.85 -30.72
C GLY A 844 28.94 1.67 -31.93
N THR A 845 28.27 2.80 -32.15
CA THR A 845 28.64 3.67 -33.27
C THR A 845 30.05 4.23 -33.08
N GLY A 846 30.39 4.63 -31.86
CA GLY A 846 31.74 5.12 -31.61
C GLY A 846 32.80 4.08 -31.87
N ILE A 847 32.59 2.85 -31.39
CA ILE A 847 33.60 1.82 -31.60
C ILE A 847 33.71 1.44 -33.07
N ILE A 848 32.57 1.41 -33.78
CA ILE A 848 32.61 1.10 -35.20
C ILE A 848 33.34 2.20 -35.97
N ILE A 849 33.10 3.46 -35.62
CA ILE A 849 33.78 4.57 -36.26
C ILE A 849 35.28 4.49 -36.01
N SER A 850 35.67 4.16 -34.77
CA SER A 850 37.08 4.02 -34.46
C SER A 850 37.70 2.86 -35.23
N PHE A 851 36.94 1.78 -35.44
CA PHE A 851 37.46 0.63 -36.16
C PHE A 851 37.59 0.90 -37.65
N ILE A 852 36.72 1.74 -38.21
CA ILE A 852 36.71 1.97 -39.66
C ILE A 852 37.83 2.92 -40.06
N TYR A 853 37.81 4.15 -39.52
CA TYR A 853 38.81 5.14 -39.88
C TYR A 853 40.17 4.77 -39.28
N GLY A 854 40.24 4.70 -37.96
CA GLY A 854 41.44 4.28 -37.28
C GLY A 854 41.52 2.77 -37.17
N TRP A 855 42.58 2.30 -36.53
CA TRP A 855 42.82 0.89 -36.31
C TRP A 855 43.93 0.78 -35.27
N GLN A 856 44.10 -0.42 -34.72
CA GLN A 856 45.08 -0.74 -33.68
C GLN A 856 44.80 -0.01 -32.38
N LEU A 857 43.77 0.82 -32.32
CA LEU A 857 43.36 1.48 -31.08
C LEU A 857 42.09 0.90 -30.49
N THR A 858 41.26 0.26 -31.30
CA THR A 858 40.06 -0.38 -30.76
C THR A 858 40.41 -1.52 -29.82
N LEU A 859 41.51 -2.23 -30.09
CA LEU A 859 41.96 -3.27 -29.19
C LEU A 859 42.33 -2.69 -27.82
N LEU A 860 43.01 -1.56 -27.81
CA LEU A 860 43.35 -0.92 -26.54
C LEU A 860 42.10 -0.47 -25.79
N LEU A 861 41.09 0.04 -26.52
CA LEU A 861 39.85 0.46 -25.87
C LEU A 861 39.09 -0.74 -25.31
N LEU A 862 39.13 -1.87 -26.02
CA LEU A 862 38.50 -3.10 -25.55
C LEU A 862 39.30 -3.79 -24.46
N ALA A 863 40.56 -3.41 -24.25
CA ALA A 863 41.38 -4.06 -23.23
C ALA A 863 40.82 -3.89 -21.82
N ILE A 864 39.92 -2.92 -21.62
CA ILE A 864 39.36 -2.67 -20.29
C ILE A 864 37.96 -3.22 -20.11
N VAL A 865 37.33 -3.74 -21.18
CA VAL A 865 35.97 -4.27 -21.04
C VAL A 865 35.89 -5.38 -19.99
N PRO A 866 36.84 -6.34 -19.92
CA PRO A 866 36.73 -7.36 -18.87
C PRO A 866 36.69 -6.80 -17.45
N ILE A 867 37.47 -5.76 -17.16
CA ILE A 867 37.51 -5.22 -15.81
C ILE A 867 36.17 -4.58 -15.44
N ILE A 868 35.63 -3.76 -16.34
CA ILE A 868 34.33 -3.14 -16.10
C ILE A 868 33.24 -4.21 -15.99
N ALA A 869 33.35 -5.27 -16.79
CA ALA A 869 32.38 -6.35 -16.71
C ALA A 869 32.44 -7.05 -15.36
N ILE A 870 33.64 -7.30 -14.83
CA ILE A 870 33.76 -7.93 -13.52
C ILE A 870 33.19 -7.02 -12.44
N ALA A 871 33.48 -5.72 -12.52
CA ALA A 871 32.94 -4.78 -11.54
C ALA A 871 31.41 -4.79 -11.58
N GLY A 872 30.83 -4.74 -12.78
CA GLY A 872 29.38 -4.79 -12.89
C GLY A 872 28.80 -6.08 -12.37
N VAL A 873 29.47 -7.20 -12.64
CA VAL A 873 28.97 -8.50 -12.18
C VAL A 873 28.95 -8.55 -10.66
N VAL A 874 30.02 -8.11 -10.01
CA VAL A 874 30.05 -8.18 -8.55
C VAL A 874 29.05 -7.20 -7.94
N GLU A 875 28.90 -6.02 -8.53
CA GLU A 875 27.91 -5.07 -8.04
C GLU A 875 26.50 -5.64 -8.15
N MET A 876 26.19 -6.26 -9.31
CA MET A 876 24.88 -6.85 -9.49
C MET A 876 24.64 -7.98 -8.50
N LYS A 877 25.66 -8.82 -8.27
CA LYS A 877 25.51 -9.92 -7.32
C LYS A 877 25.18 -9.40 -5.93
N MET A 878 25.93 -8.39 -5.47
CA MET A 878 25.71 -7.88 -4.12
C MET A 878 24.36 -7.19 -3.99
N LEU A 879 23.98 -6.38 -4.98
CA LEU A 879 22.69 -5.70 -4.91
C LEU A 879 21.53 -6.69 -5.01
N SER A 880 21.69 -7.74 -5.81
CA SER A 880 20.65 -8.77 -5.89
C SER A 880 20.51 -9.50 -4.56
N GLY A 881 21.64 -9.79 -3.89
CA GLY A 881 21.55 -10.38 -2.57
C GLY A 881 20.88 -9.47 -1.56
N GLN A 882 21.07 -8.16 -1.69
CA GLN A 882 20.49 -7.20 -0.76
C GLN A 882 18.99 -7.01 -0.98
N ALA A 883 18.56 -6.96 -2.24
CA ALA A 883 17.20 -6.56 -2.57
C ALA A 883 16.18 -7.56 -2.03
N LEU A 884 16.48 -8.85 -2.11
CA LEU A 884 15.53 -9.85 -1.62
C LEU A 884 15.28 -9.70 -0.13
N LYS A 885 16.35 -9.49 0.65
CA LYS A 885 16.20 -9.31 2.08
C LYS A 885 15.48 -8.01 2.40
N ASP A 886 15.70 -6.96 1.61
CA ASP A 886 14.94 -5.72 1.82
C ASP A 886 13.45 -5.95 1.55
N LYS A 887 13.14 -6.67 0.47
CA LYS A 887 11.75 -6.88 0.08
C LYS A 887 11.01 -7.75 1.10
N LYS A 888 11.69 -8.76 1.64
CA LYS A 888 11.04 -9.60 2.64
C LYS A 888 10.65 -8.84 3.90
N GLU A 889 11.35 -7.74 4.21
CA GLU A 889 11.06 -6.98 5.41
C GLU A 889 10.17 -5.78 5.16
N LEU A 890 10.09 -5.28 3.93
CA LEU A 890 9.16 -4.19 3.66
C LEU A 890 7.71 -4.63 3.88
N GLU A 891 7.38 -5.87 3.55
CA GLU A 891 6.03 -6.39 3.82
C GLU A 891 5.75 -6.41 5.32
N GLY A 892 6.70 -6.86 6.12
CA GLY A 892 6.52 -6.82 7.56
C GLY A 892 6.37 -5.41 8.09
N SER A 893 7.07 -4.45 7.47
CA SER A 893 6.89 -3.05 7.86
C SER A 893 5.48 -2.55 7.54
N GLY A 894 4.93 -2.96 6.40
CA GLY A 894 3.60 -2.52 6.02
C GLY A 894 2.48 -3.19 6.78
N LYS A 895 2.70 -4.43 7.24
CA LYS A 895 1.67 -5.14 7.99
C LYS A 895 1.28 -4.39 9.25
N ILE A 896 2.28 -3.89 9.99
CA ILE A 896 2.02 -3.16 11.22
C ILE A 896 1.23 -1.90 10.94
N ALA A 897 1.60 -1.18 9.88
CA ALA A 897 0.89 0.04 9.53
C ALA A 897 -0.57 -0.24 9.24
N THR A 898 -0.85 -1.28 8.45
CA THR A 898 -2.25 -1.55 8.11
C THR A 898 -3.01 -2.08 9.32
N GLU A 899 -2.34 -2.83 10.19
CA GLU A 899 -3.02 -3.41 11.34
C GLU A 899 -3.38 -2.35 12.36
N ALA A 900 -2.52 -1.34 12.50
CA ALA A 900 -2.84 -0.22 13.37
C ALA A 900 -3.86 0.73 12.75
N ILE A 901 -3.81 0.88 11.42
CA ILE A 901 -4.74 1.80 10.75
C ILE A 901 -6.15 1.24 10.78
N GLU A 902 -6.31 -0.06 10.51
CA GLU A 902 -7.65 -0.65 10.42
C GLU A 902 -8.35 -0.70 11.76
N ASN A 903 -7.58 -0.79 12.86
CA ASN A 903 -8.17 -0.93 14.19
C ASN A 903 -7.87 0.28 15.05
N PHE A 904 -8.05 1.49 14.51
CA PHE A 904 -7.64 2.69 15.22
C PHE A 904 -8.45 2.91 16.50
N ARG A 905 -9.74 2.58 16.49
CA ARG A 905 -10.54 2.79 17.69
C ARG A 905 -10.03 1.96 18.85
N THR A 906 -9.72 0.70 18.61
CA THR A 906 -9.19 -0.16 19.68
C THR A 906 -7.83 0.33 20.16
N VAL A 907 -6.97 0.75 19.24
CA VAL A 907 -5.65 1.25 19.62
C VAL A 907 -5.77 2.52 20.47
N VAL A 908 -6.65 3.44 20.06
CA VAL A 908 -6.84 4.67 20.84
C VAL A 908 -7.40 4.34 22.22
N SER A 909 -8.40 3.45 22.29
CA SER A 909 -8.98 3.09 23.57
C SER A 909 -8.01 2.39 24.49
N LEU A 910 -7.06 1.64 23.94
CA LEU A 910 -6.05 0.99 24.76
C LEU A 910 -4.81 1.85 24.99
N THR A 911 -4.73 3.00 24.34
CA THR A 911 -3.58 3.91 24.40
C THR A 911 -2.27 3.17 24.12
N GLN A 912 -2.27 2.44 23.00
CA GLN A 912 -1.09 1.71 22.54
C GLN A 912 -0.53 2.35 21.29
N GLU A 913 -0.61 3.67 21.20
CA GLU A 913 -0.09 4.38 20.04
C GLU A 913 1.43 4.46 20.05
N GLN A 914 2.05 4.45 21.24
CA GLN A 914 3.50 4.48 21.31
C GLN A 914 4.12 3.12 20.95
N LYS A 915 3.51 2.04 21.40
CA LYS A 915 4.06 0.72 21.11
C LYS A 915 4.02 0.41 19.62
N PHE A 916 2.94 0.80 18.94
CA PHE A 916 2.86 0.57 17.50
C PHE A 916 3.89 1.40 16.75
N GLU A 917 4.10 2.65 17.17
CA GLU A 917 5.12 3.48 16.56
C GLU A 917 6.50 2.87 16.75
N HIS A 918 6.78 2.34 17.96
CA HIS A 918 8.07 1.70 18.20
C HIS A 918 8.24 0.46 17.36
N MET A 919 7.17 -0.33 17.20
CA MET A 919 7.26 -1.53 16.36
C MET A 919 7.52 -1.16 14.91
N TYR A 920 6.86 -0.10 14.42
CA TYR A 920 7.10 0.34 13.05
C TYR A 920 8.54 0.82 12.86
N ALA A 921 9.05 1.60 13.83
CA ALA A 921 10.44 2.05 13.75
C ALA A 921 11.41 0.87 13.78
N GLN A 922 11.11 -0.14 14.60
CA GLN A 922 11.95 -1.33 14.63
C GLN A 922 11.91 -2.07 13.31
N SER A 923 10.74 -2.14 12.68
CA SER A 923 10.62 -2.82 11.39
C SER A 923 11.37 -2.08 10.29
N LEU A 924 11.44 -0.75 10.37
CA LEU A 924 12.15 0.03 9.36
C LEU A 924 13.66 0.00 9.53
N GLN A 925 14.22 -0.93 10.31
CA GLN A 925 15.63 -0.88 10.63
C GLN A 925 16.50 -1.46 9.52
N VAL A 926 16.23 -2.70 9.11
CA VAL A 926 17.07 -3.40 8.12
C VAL A 926 17.09 -2.65 6.79
N PRO A 927 15.96 -2.17 6.25
CA PRO A 927 16.04 -1.36 5.03
C PRO A 927 16.92 -0.13 5.17
N TYR A 928 16.98 0.47 6.36
CA TYR A 928 17.85 1.62 6.57
C TYR A 928 19.32 1.23 6.39
N ARG A 929 19.73 0.11 6.99
CA ARG A 929 21.10 -0.36 6.85
C ARG A 929 21.41 -0.73 5.41
N ASN A 930 20.46 -1.38 4.73
CA ASN A 930 20.68 -1.74 3.33
C ASN A 930 20.83 -0.50 2.46
N SER A 931 20.01 0.52 2.71
CA SER A 931 20.13 1.77 1.96
C SER A 931 21.46 2.45 2.21
N LEU A 932 21.95 2.39 3.45
CA LEU A 932 23.26 2.98 3.73
C LEU A 932 24.37 2.24 3.02
N ARG A 933 24.31 0.91 2.99
CA ARG A 933 25.38 0.13 2.34
C ARG A 933 25.35 0.30 0.82
N LYS A 934 24.15 0.38 0.24
CA LYS A 934 24.04 0.57 -1.20
C LYS A 934 24.73 1.84 -1.65
N ALA A 935 24.75 2.87 -0.81
CA ALA A 935 25.42 4.11 -1.16
C ALA A 935 26.90 3.87 -1.44
N HIS A 936 27.59 3.21 -0.51
CA HIS A 936 29.02 2.94 -0.69
C HIS A 936 29.24 2.02 -1.88
N ILE A 937 28.43 0.98 -2.02
CA ILE A 937 28.63 0.02 -3.11
C ILE A 937 28.52 0.73 -4.46
N PHE A 938 27.43 1.49 -4.64
CA PHE A 938 27.21 2.17 -5.91
C PHE A 938 28.27 3.22 -6.17
N GLY A 939 28.66 3.97 -5.14
CA GLY A 939 29.69 4.98 -5.33
C GLY A 939 31.01 4.38 -5.77
N ILE A 940 31.43 3.29 -5.13
CA ILE A 940 32.70 2.67 -5.50
C ILE A 940 32.65 2.16 -6.93
N THR A 941 31.57 1.46 -7.29
CA THR A 941 31.48 0.93 -8.66
C THR A 941 31.44 2.05 -9.69
N PHE A 942 30.67 3.11 -9.42
CA PHE A 942 30.57 4.23 -10.34
C PHE A 942 31.93 4.88 -10.54
N SER A 943 32.67 5.12 -9.44
CA SER A 943 33.98 5.74 -9.56
C SER A 943 34.95 4.85 -10.34
N PHE A 944 34.92 3.54 -10.09
CA PHE A 944 35.82 2.64 -10.81
C PHE A 944 35.55 2.68 -12.30
N THR A 945 34.28 2.52 -12.70
CA THR A 945 33.98 2.52 -14.14
C THR A 945 34.18 3.89 -14.76
N GLN A 946 34.13 4.96 -13.97
CA GLN A 946 34.34 6.28 -14.52
C GLN A 946 35.82 6.63 -14.66
N ALA A 947 36.68 6.04 -13.83
CA ALA A 947 38.10 6.32 -13.89
C ALA A 947 38.86 5.41 -14.84
N MET A 948 38.44 4.14 -14.97
CA MET A 948 39.12 3.26 -15.90
C MET A 948 39.05 3.80 -17.33
N MET A 949 37.97 4.50 -17.67
CA MET A 949 37.82 4.98 -19.02
C MET A 949 38.70 6.20 -19.30
N TYR A 950 38.93 7.05 -18.30
CA TYR A 950 39.90 8.13 -18.47
C TYR A 950 41.31 7.57 -18.59
N PHE A 951 41.62 6.52 -17.82
CA PHE A 951 42.91 5.87 -17.99
C PHE A 951 43.05 5.30 -19.40
N SER A 952 41.98 4.72 -19.94
CA SER A 952 42.00 4.23 -21.31
C SER A 952 42.21 5.37 -22.31
N TYR A 953 41.60 6.53 -22.07
CA TYR A 953 41.85 7.67 -22.95
C TYR A 953 43.32 8.07 -22.94
N ALA A 954 43.94 8.12 -21.77
CA ALA A 954 45.36 8.46 -21.70
C ALA A 954 46.20 7.43 -22.46
N GLY A 955 45.92 6.14 -22.25
CA GLY A 955 46.66 5.12 -22.94
C GLY A 955 46.49 5.18 -24.45
N CYS A 956 45.27 5.43 -24.91
CA CYS A 956 45.01 5.54 -26.34
C CYS A 956 45.71 6.75 -26.94
N PHE A 957 45.75 7.88 -26.22
CA PHE A 957 46.47 9.03 -26.74
C PHE A 957 47.97 8.73 -26.87
N ARG A 958 48.55 8.06 -25.86
CA ARG A 958 49.97 7.72 -25.96
C ARG A 958 50.23 6.76 -27.13
N PHE A 959 49.36 5.76 -27.29
CA PHE A 959 49.55 4.81 -28.40
C PHE A 959 49.37 5.48 -29.75
N GLY A 960 48.44 6.43 -29.86
CA GLY A 960 48.31 7.18 -31.09
C GLY A 960 49.54 8.01 -31.39
N ALA A 961 50.14 8.60 -30.35
CA ALA A 961 51.41 9.30 -30.54
C ALA A 961 52.47 8.36 -31.08
N TYR A 962 52.59 7.17 -30.51
CA TYR A 962 53.59 6.20 -30.98
C TYR A 962 53.32 5.81 -32.43
N LEU A 963 52.05 5.53 -32.76
CA LEU A 963 51.70 5.10 -34.10
C LEU A 963 51.93 6.19 -35.14
N VAL A 964 51.72 7.45 -34.79
CA VAL A 964 52.01 8.51 -35.75
C VAL A 964 53.51 8.79 -35.79
N ALA A 965 54.24 8.43 -34.74
CA ALA A 965 55.70 8.56 -34.76
C ALA A 965 56.31 7.53 -35.71
N HIS A 966 55.78 6.31 -35.72
CA HIS A 966 56.32 5.27 -36.60
C HIS A 966 55.73 5.30 -38.00
N LYS A 967 54.96 6.33 -38.34
CA LYS A 967 54.36 6.48 -39.68
C LYS A 967 53.49 5.29 -40.05
N LEU A 968 52.90 4.65 -39.04
CA LEU A 968 51.93 3.59 -39.27
C LEU A 968 50.51 4.10 -39.47
N MET A 969 50.26 5.37 -39.16
CA MET A 969 48.94 5.96 -39.28
C MET A 969 49.09 7.47 -39.10
N SER A 970 48.33 8.24 -39.88
CA SER A 970 48.42 9.68 -39.82
C SER A 970 47.96 10.20 -38.46
N PHE A 971 48.16 11.49 -38.23
CA PHE A 971 47.59 12.12 -37.04
C PHE A 971 46.24 12.76 -37.32
N GLU A 972 45.96 13.11 -38.58
CA GLU A 972 44.66 13.69 -38.92
C GLU A 972 43.50 12.72 -38.67
N ASP A 973 43.77 11.41 -38.60
CA ASP A 973 42.72 10.44 -38.35
C ASP A 973 42.71 9.88 -36.93
N VAL A 974 43.86 9.79 -36.26
CA VAL A 974 43.81 9.46 -34.84
C VAL A 974 43.19 10.62 -34.07
N LEU A 975 43.35 11.85 -34.59
CA LEU A 975 42.60 12.98 -34.05
C LEU A 975 41.11 12.71 -34.11
N LEU A 976 40.63 12.24 -35.27
CA LEU A 976 39.22 11.90 -35.43
C LEU A 976 38.81 10.78 -34.49
N VAL A 977 39.66 9.75 -34.35
CA VAL A 977 39.33 8.61 -33.51
C VAL A 977 39.18 9.05 -32.05
N PHE A 978 40.11 9.88 -31.57
CA PHE A 978 40.01 10.38 -30.20
C PHE A 978 38.76 11.24 -30.03
N SER A 979 38.47 12.10 -31.00
CA SER A 979 37.28 12.94 -30.92
C SER A 979 36.00 12.11 -30.88
N ALA A 980 35.93 11.02 -31.63
CA ALA A 980 34.75 10.17 -31.62
C ALA A 980 34.65 9.37 -30.32
N VAL A 981 35.77 8.85 -29.83
CA VAL A 981 35.74 7.98 -28.66
C VAL A 981 35.45 8.77 -27.39
N VAL A 982 35.95 10.00 -27.28
CA VAL A 982 35.77 10.77 -26.05
C VAL A 982 34.29 11.07 -25.80
N PHE A 983 33.46 10.99 -26.84
CA PHE A 983 32.06 11.39 -26.73
C PHE A 983 31.22 10.37 -25.98
N GLY A 984 31.77 9.20 -25.64
CA GLY A 984 31.05 8.16 -24.95
C GLY A 984 31.21 8.11 -23.45
N ALA A 985 31.88 9.09 -22.85
CA ALA A 985 32.07 9.08 -21.40
C ALA A 985 30.76 9.20 -20.66
N MET A 986 29.93 10.17 -21.06
CA MET A 986 28.62 10.34 -20.43
C MET A 986 27.72 9.15 -20.68
N ALA A 987 27.82 8.54 -21.87
CA ALA A 987 27.04 7.33 -22.14
C ALA A 987 27.45 6.19 -21.22
N VAL A 988 28.76 6.02 -21.00
CA VAL A 988 29.21 4.99 -20.08
C VAL A 988 28.71 5.26 -18.68
N GLY A 989 28.74 6.52 -18.25
CA GLY A 989 28.19 6.87 -16.95
C GLY A 989 26.72 6.53 -16.82
N GLN A 990 25.92 6.89 -17.83
CA GLN A 990 24.50 6.58 -17.79
C GLN A 990 24.25 5.08 -17.76
N VAL A 991 24.99 4.31 -18.57
CA VAL A 991 24.79 2.87 -18.57
C VAL A 991 25.16 2.27 -17.22
N SER A 992 26.26 2.72 -16.62
CA SER A 992 26.63 2.24 -15.31
C SER A 992 25.63 2.64 -14.23
N SER A 993 24.89 3.73 -14.44
CA SER A 993 23.88 4.18 -13.50
C SER A 993 22.59 3.39 -13.57
N PHE A 994 22.59 2.21 -14.20
CA PHE A 994 21.40 1.40 -14.39
C PHE A 994 21.40 0.13 -13.54
N ALA A 995 22.38 -0.03 -12.64
CA ALA A 995 22.50 -1.30 -11.91
C ALA A 995 21.37 -1.52 -10.91
N PRO A 996 21.09 -0.61 -9.96
CA PRO A 996 20.08 -0.94 -8.92
C PRO A 996 18.69 -1.19 -9.49
N ASP A 997 18.30 -0.47 -10.54
CA ASP A 997 16.97 -0.62 -11.09
C ASP A 997 16.75 -2.03 -11.62
N TYR A 998 17.66 -2.50 -12.47
CA TYR A 998 17.58 -3.88 -12.96
C TYR A 998 17.72 -4.87 -11.81
N ALA A 999 18.58 -4.54 -10.83
CA ALA A 999 18.82 -5.46 -9.73
C ALA A 999 17.54 -5.74 -8.96
N LYS A 1000 16.75 -4.72 -8.67
CA LYS A 1000 15.47 -4.93 -8.00
C LYS A 1000 14.38 -5.46 -8.92
N ALA A 1001 14.36 -5.00 -10.19
CA ALA A 1001 13.32 -5.43 -11.10
C ALA A 1001 13.39 -6.92 -11.39
N LYS A 1002 14.57 -7.51 -11.28
CA LYS A 1002 14.68 -8.95 -11.51
C LYS A 1002 13.82 -9.74 -10.52
N ILE A 1003 14.00 -9.48 -9.22
CA ILE A 1003 13.21 -10.21 -8.23
C ILE A 1003 11.74 -9.77 -8.28
N SER A 1004 11.48 -8.51 -8.59
CA SER A 1004 10.10 -8.07 -8.71
C SER A 1004 9.36 -8.87 -9.79
N ALA A 1005 9.99 -9.00 -10.96
CA ALA A 1005 9.38 -9.78 -12.05
C ALA A 1005 9.27 -11.25 -11.68
N ALA A 1006 10.27 -11.80 -10.99
CA ALA A 1006 10.19 -13.19 -10.59
C ALA A 1006 8.98 -13.43 -9.69
N HIS A 1007 8.76 -12.54 -8.72
CA HIS A 1007 7.63 -12.72 -7.81
C HIS A 1007 6.30 -12.51 -8.51
N ILE A 1008 6.24 -11.55 -9.43
CA ILE A 1008 4.99 -11.34 -10.19
C ILE A 1008 4.65 -12.58 -11.00
N ILE A 1009 5.64 -13.15 -11.68
CA ILE A 1009 5.40 -14.36 -12.47
C ILE A 1009 4.96 -15.50 -11.56
N MET A 1010 5.60 -15.63 -10.40
CA MET A 1010 5.26 -16.71 -9.48
C MET A 1010 3.80 -16.59 -9.04
N ILE A 1011 3.36 -15.39 -8.68
CA ILE A 1011 1.99 -15.24 -8.20
C ILE A 1011 0.98 -15.41 -9.33
N ILE A 1012 1.35 -14.97 -10.55
CA ILE A 1012 0.40 -15.09 -11.66
C ILE A 1012 0.22 -16.55 -12.06
N GLU A 1013 1.31 -17.32 -12.13
CA GLU A 1013 1.22 -18.68 -12.62
C GLU A 1013 0.63 -19.66 -11.61
N LYS A 1014 0.41 -19.25 -10.36
CA LYS A 1014 -0.10 -20.15 -9.34
C LYS A 1014 -1.57 -20.47 -9.59
N THR A 1015 -1.95 -21.71 -9.29
CA THR A 1015 -3.33 -22.16 -9.43
C THR A 1015 -3.81 -22.72 -8.10
N PRO A 1016 -5.06 -22.53 -7.73
CA PRO A 1016 -5.57 -23.07 -6.47
C PRO A 1016 -6.13 -24.47 -6.67
N LEU A 1017 -6.67 -25.02 -5.58
CA LEU A 1017 -7.32 -26.33 -5.60
C LEU A 1017 -8.82 -26.25 -5.77
N ILE A 1018 -9.47 -25.28 -5.12
CA ILE A 1018 -10.90 -25.03 -5.29
C ILE A 1018 -11.00 -23.80 -6.18
N ASP A 1019 -11.26 -24.03 -7.47
CA ASP A 1019 -11.17 -22.99 -8.48
C ASP A 1019 -12.51 -22.27 -8.59
N SER A 1020 -12.51 -20.97 -8.32
CA SER A 1020 -13.73 -20.18 -8.46
C SER A 1020 -14.02 -19.85 -9.92
N TYR A 1021 -12.99 -19.75 -10.76
CA TYR A 1021 -13.17 -19.35 -12.15
C TYR A 1021 -13.40 -20.53 -13.09
N SER A 1022 -13.17 -21.76 -12.63
CA SER A 1022 -13.29 -22.92 -13.50
C SER A 1022 -14.75 -23.18 -13.86
N THR A 1023 -14.95 -23.87 -14.98
CA THR A 1023 -16.29 -24.20 -15.46
C THR A 1023 -16.61 -25.69 -15.37
N GLU A 1024 -15.61 -26.55 -15.26
CA GLU A 1024 -15.85 -27.98 -15.14
C GLU A 1024 -16.66 -28.29 -13.90
N GLY A 1025 -17.67 -29.13 -14.05
CA GLY A 1025 -18.51 -29.51 -12.94
C GLY A 1025 -19.89 -29.90 -13.44
N LEU A 1026 -20.75 -30.25 -12.48
CA LEU A 1026 -22.12 -30.63 -12.75
C LEU A 1026 -23.04 -29.53 -12.23
N MET A 1027 -23.97 -29.09 -13.09
CA MET A 1027 -24.95 -28.05 -12.74
C MET A 1027 -26.33 -28.61 -13.03
N PRO A 1028 -26.93 -29.34 -12.09
CA PRO A 1028 -28.26 -29.90 -12.32
C PRO A 1028 -29.30 -28.81 -12.48
N ASN A 1029 -30.31 -29.11 -13.31
CA ASN A 1029 -31.36 -28.14 -13.58
C ASN A 1029 -32.17 -27.81 -12.33
N THR A 1030 -32.56 -28.83 -11.56
CA THR A 1030 -33.40 -28.65 -10.39
C THR A 1030 -32.76 -29.33 -9.18
N LEU A 1031 -32.95 -28.71 -8.02
CA LEU A 1031 -32.54 -29.31 -6.76
C LEU A 1031 -33.65 -29.18 -5.74
N GLU A 1032 -33.67 -30.10 -4.79
CA GLU A 1032 -34.73 -30.12 -3.77
C GLU A 1032 -34.21 -29.79 -2.38
N GLY A 1033 -32.92 -30.02 -2.10
CA GLY A 1033 -32.32 -29.47 -0.91
C GLY A 1033 -32.09 -30.40 0.27
N ASN A 1034 -31.61 -31.61 0.01
CA ASN A 1034 -31.14 -32.49 1.07
C ASN A 1034 -29.67 -32.20 1.35
N VAL A 1035 -29.32 -32.21 2.63
CA VAL A 1035 -27.94 -32.04 3.07
C VAL A 1035 -27.55 -33.25 3.90
N THR A 1036 -26.42 -33.87 3.55
CA THR A 1036 -26.01 -35.11 4.20
C THR A 1036 -24.53 -35.05 4.53
N PHE A 1037 -24.21 -35.00 5.82
CA PHE A 1037 -22.84 -35.14 6.31
C PHE A 1037 -22.68 -36.56 6.79
N GLY A 1038 -21.76 -37.31 6.18
CA GLY A 1038 -21.53 -38.68 6.58
C GLY A 1038 -20.12 -38.96 7.03
N GLU A 1039 -19.96 -39.22 8.33
CA GLU A 1039 -18.67 -39.56 8.93
C GLU A 1039 -17.62 -38.50 8.59
N VAL A 1040 -18.03 -37.24 8.66
CA VAL A 1040 -17.17 -36.13 8.27
C VAL A 1040 -16.17 -35.86 9.38
N VAL A 1041 -14.88 -35.94 9.05
CA VAL A 1041 -13.79 -35.52 9.90
C VAL A 1041 -13.09 -34.35 9.21
N PHE A 1042 -12.50 -33.46 10.00
CA PHE A 1042 -11.88 -32.28 9.42
C PHE A 1042 -10.86 -31.69 10.38
N ASN A 1043 -9.76 -31.19 9.82
CA ASN A 1043 -8.71 -30.53 10.56
C ASN A 1043 -8.31 -29.26 9.82
N TYR A 1044 -8.19 -28.16 10.57
CA TYR A 1044 -7.86 -26.89 9.95
C TYR A 1044 -6.42 -26.89 9.46
N PRO A 1045 -6.11 -26.09 8.43
CA PRO A 1045 -4.74 -26.11 7.90
C PRO A 1045 -3.72 -25.45 8.80
N THR A 1046 -4.08 -24.36 9.48
CA THR A 1046 -3.10 -23.66 10.31
C THR A 1046 -2.74 -24.45 11.56
N ARG A 1047 -3.68 -25.24 12.10
CA ARG A 1047 -3.45 -26.06 13.28
C ARG A 1047 -3.86 -27.50 12.98
N PRO A 1048 -3.05 -28.21 12.18
CA PRO A 1048 -3.45 -29.56 11.76
C PRO A 1048 -3.63 -30.54 12.90
N ASP A 1049 -2.87 -30.40 13.99
CA ASP A 1049 -2.91 -31.40 15.05
C ASP A 1049 -4.22 -31.38 15.84
N ILE A 1050 -4.88 -30.23 15.92
CA ILE A 1050 -6.10 -30.10 16.72
C ILE A 1050 -7.30 -30.65 15.96
N PRO A 1051 -7.99 -31.65 16.50
CA PRO A 1051 -9.20 -32.17 15.83
C PRO A 1051 -10.42 -31.36 16.23
N VAL A 1052 -11.06 -30.74 15.24
CA VAL A 1052 -12.28 -29.97 15.50
C VAL A 1052 -13.54 -30.79 15.23
N LEU A 1053 -13.55 -31.58 14.16
CA LEU A 1053 -14.63 -32.51 13.86
C LEU A 1053 -14.05 -33.91 13.82
N GLN A 1054 -14.79 -34.87 14.38
CA GLN A 1054 -14.26 -36.22 14.57
C GLN A 1054 -15.24 -37.27 14.05
N GLY A 1055 -15.85 -37.02 12.89
CA GLY A 1055 -16.76 -37.99 12.32
C GLY A 1055 -18.21 -37.72 12.63
N LEU A 1056 -18.66 -36.50 12.35
CA LEU A 1056 -20.07 -36.17 12.57
C LEU A 1056 -20.90 -36.55 11.36
N SER A 1057 -22.19 -36.77 11.62
CA SER A 1057 -23.18 -37.05 10.58
C SER A 1057 -24.39 -36.17 10.81
N LEU A 1058 -24.90 -35.56 9.75
CA LEU A 1058 -26.01 -34.62 9.84
C LEU A 1058 -26.95 -34.86 8.66
N GLU A 1059 -28.25 -34.88 8.92
CA GLU A 1059 -29.23 -35.19 7.90
C GLU A 1059 -30.30 -34.11 7.90
N VAL A 1060 -30.48 -33.45 6.75
CA VAL A 1060 -31.48 -32.38 6.62
C VAL A 1060 -32.26 -32.60 5.34
N LYS A 1061 -33.59 -32.54 5.44
CA LYS A 1061 -34.50 -32.66 4.30
C LYS A 1061 -35.05 -31.28 3.94
N LYS A 1062 -35.85 -31.26 2.88
CA LYS A 1062 -36.51 -30.03 2.45
C LYS A 1062 -37.64 -29.67 3.40
N GLY A 1063 -37.84 -28.37 3.59
CA GLY A 1063 -38.90 -27.89 4.46
C GLY A 1063 -38.72 -28.24 5.91
N GLN A 1064 -37.50 -28.18 6.42
CA GLN A 1064 -37.20 -28.47 7.81
C GLN A 1064 -36.21 -27.44 8.34
N THR A 1065 -36.14 -27.33 9.67
CA THR A 1065 -35.19 -26.43 10.32
C THR A 1065 -34.42 -27.22 11.36
N LEU A 1066 -33.09 -27.17 11.27
CA LEU A 1066 -32.22 -27.83 12.22
C LEU A 1066 -31.49 -26.77 13.04
N ALA A 1067 -31.53 -26.93 14.36
CA ALA A 1067 -30.81 -26.06 15.28
C ALA A 1067 -29.63 -26.82 15.85
N LEU A 1068 -28.43 -26.29 15.65
CA LEU A 1068 -27.20 -26.88 16.17
C LEU A 1068 -26.86 -26.21 17.48
N VAL A 1069 -26.66 -27.01 18.53
CA VAL A 1069 -26.35 -26.50 19.86
C VAL A 1069 -25.16 -27.24 20.42
N GLY A 1070 -24.49 -26.60 21.37
CA GLY A 1070 -23.32 -27.17 22.01
C GLY A 1070 -22.50 -26.11 22.72
N SER A 1071 -21.46 -26.54 23.44
CA SER A 1071 -20.58 -25.59 24.11
C SER A 1071 -19.79 -24.79 23.07
N SER A 1072 -19.35 -23.61 23.49
CA SER A 1072 -18.57 -22.76 22.60
C SER A 1072 -17.28 -23.44 22.19
N GLY A 1073 -17.03 -23.49 20.89
CA GLY A 1073 -15.88 -24.17 20.35
C GLY A 1073 -16.08 -25.64 20.05
N CYS A 1074 -17.29 -26.08 19.71
CA CYS A 1074 -17.57 -27.47 19.42
C CYS A 1074 -17.69 -27.77 17.93
N GLY A 1075 -17.54 -26.77 17.07
CA GLY A 1075 -17.62 -27.00 15.64
C GLY A 1075 -18.99 -26.83 15.04
N LYS A 1076 -19.69 -25.72 15.34
CA LYS A 1076 -21.00 -25.50 14.76
C LYS A 1076 -20.93 -24.56 13.56
N SER A 1077 -19.99 -23.62 13.57
CA SER A 1077 -19.74 -22.80 12.39
C SER A 1077 -18.79 -23.49 11.41
N THR A 1078 -18.08 -24.53 11.85
CA THR A 1078 -17.24 -25.28 10.94
C THR A 1078 -18.06 -25.97 9.85
N VAL A 1079 -19.24 -26.48 10.20
CA VAL A 1079 -20.10 -27.08 9.19
C VAL A 1079 -20.58 -26.04 8.19
N VAL A 1080 -20.85 -24.82 8.67
CA VAL A 1080 -21.25 -23.74 7.77
C VAL A 1080 -20.11 -23.40 6.82
N GLN A 1081 -18.88 -23.36 7.33
CA GLN A 1081 -17.73 -23.11 6.46
C GLN A 1081 -17.54 -24.23 5.46
N LEU A 1082 -17.76 -25.47 5.87
CA LEU A 1082 -17.58 -26.62 4.98
C LEU A 1082 -18.62 -26.64 3.87
N LEU A 1083 -19.86 -26.27 4.18
CA LEU A 1083 -20.92 -26.36 3.18
C LEU A 1083 -20.72 -25.37 2.03
N GLU A 1084 -19.96 -24.29 2.27
CA GLU A 1084 -19.65 -23.32 1.23
C GLU A 1084 -18.38 -23.64 0.48
N ARG A 1085 -17.76 -24.79 0.76
CA ARG A 1085 -16.53 -25.23 0.11
C ARG A 1085 -15.40 -24.22 0.32
N PHE A 1086 -15.28 -23.73 1.54
CA PHE A 1086 -14.07 -22.99 1.90
C PHE A 1086 -12.90 -23.94 2.13
N TYR A 1087 -13.16 -25.10 2.74
CA TYR A 1087 -12.17 -26.14 2.95
C TYR A 1087 -12.79 -27.48 2.61
N ASP A 1088 -11.93 -28.47 2.39
CA ASP A 1088 -12.42 -29.80 2.11
C ASP A 1088 -12.07 -30.76 3.25
N PRO A 1089 -13.00 -31.63 3.63
CA PRO A 1089 -12.72 -32.55 4.75
C PRO A 1089 -11.64 -33.57 4.39
N LEU A 1090 -10.93 -34.01 5.43
CA LEU A 1090 -9.90 -35.03 5.22
C LEU A 1090 -10.51 -36.34 4.77
N ALA A 1091 -11.63 -36.73 5.36
CA ALA A 1091 -12.36 -37.93 4.99
C ALA A 1091 -13.85 -37.63 5.04
N GLY A 1092 -14.66 -38.68 5.02
CA GLY A 1092 -16.10 -38.51 5.09
C GLY A 1092 -16.69 -38.03 3.79
N LYS A 1093 -17.99 -37.76 3.83
CA LYS A 1093 -18.74 -37.40 2.65
C LYS A 1093 -19.66 -36.23 2.95
N VAL A 1094 -19.78 -35.32 1.98
CA VAL A 1094 -20.73 -34.21 2.06
C VAL A 1094 -21.56 -34.24 0.78
N LEU A 1095 -22.88 -34.38 0.93
CA LEU A 1095 -23.77 -34.59 -0.19
C LEU A 1095 -24.87 -33.55 -0.20
N LEU A 1096 -25.08 -32.92 -1.36
CA LEU A 1096 -26.22 -32.05 -1.61
C LEU A 1096 -27.10 -32.75 -2.64
N ASP A 1097 -28.32 -33.08 -2.24
CA ASP A 1097 -29.29 -33.77 -3.10
C ASP A 1097 -28.73 -35.11 -3.61
N GLY A 1098 -27.97 -35.79 -2.75
CA GLY A 1098 -27.44 -37.08 -3.10
C GLY A 1098 -26.27 -37.06 -4.06
N LYS A 1099 -25.64 -35.90 -4.25
CA LYS A 1099 -24.50 -35.74 -5.14
C LYS A 1099 -23.37 -35.08 -4.39
N GLU A 1100 -22.15 -35.56 -4.59
CA GLU A 1100 -21.00 -35.00 -3.92
C GLU A 1100 -20.81 -33.53 -4.30
N ILE A 1101 -20.48 -32.69 -3.33
CA ILE A 1101 -20.19 -31.30 -3.61
C ILE A 1101 -18.87 -31.14 -4.33
N LYS A 1102 -17.96 -32.12 -4.20
CA LYS A 1102 -16.72 -32.07 -4.96
C LYS A 1102 -16.97 -32.11 -6.45
N ARG A 1103 -17.91 -32.96 -6.88
CA ARG A 1103 -18.23 -33.07 -8.30
C ARG A 1103 -19.06 -31.90 -8.80
N LEU A 1104 -19.80 -31.24 -7.91
CA LEU A 1104 -20.62 -30.11 -8.30
C LEU A 1104 -19.76 -28.88 -8.60
N ASN A 1105 -20.32 -27.97 -9.38
CA ASN A 1105 -19.66 -26.70 -9.64
C ASN A 1105 -19.62 -25.86 -8.38
N VAL A 1106 -18.50 -25.16 -8.19
CA VAL A 1106 -18.32 -24.35 -6.99
C VAL A 1106 -19.17 -23.10 -7.04
N GLN A 1107 -19.12 -22.37 -8.15
CA GLN A 1107 -19.88 -21.13 -8.26
C GLN A 1107 -21.38 -21.40 -8.24
N TRP A 1108 -21.82 -22.46 -8.91
CA TRP A 1108 -23.23 -22.81 -8.89
C TRP A 1108 -23.68 -23.18 -7.48
N LEU A 1109 -22.83 -23.90 -6.73
CA LEU A 1109 -23.16 -24.23 -5.35
C LEU A 1109 -23.30 -22.96 -4.51
N ARG A 1110 -22.34 -22.04 -4.63
CA ARG A 1110 -22.38 -20.83 -3.81
C ARG A 1110 -23.48 -19.87 -4.24
N ALA A 1111 -23.99 -20.00 -5.47
CA ALA A 1111 -25.01 -19.08 -5.93
C ALA A 1111 -26.39 -19.38 -5.37
N HIS A 1112 -26.59 -20.56 -4.78
CA HIS A 1112 -27.92 -20.93 -4.29
C HIS A 1112 -28.10 -20.61 -2.81
N LEU A 1113 -27.19 -21.07 -1.96
CA LEU A 1113 -27.35 -20.92 -0.52
C LEU A 1113 -26.76 -19.59 -0.05
N GLY A 1114 -27.51 -18.89 0.81
CA GLY A 1114 -27.06 -17.65 1.40
C GLY A 1114 -26.80 -17.83 2.89
N ILE A 1115 -25.83 -17.07 3.40
CA ILE A 1115 -25.37 -17.22 4.77
C ILE A 1115 -25.36 -15.87 5.48
N VAL A 1116 -25.43 -15.92 6.81
CA VAL A 1116 -25.23 -14.77 7.67
C VAL A 1116 -24.12 -15.12 8.64
N SER A 1117 -23.00 -14.42 8.55
CA SER A 1117 -21.81 -14.77 9.30
C SER A 1117 -22.02 -14.48 10.78
N GLN A 1118 -21.12 -15.03 11.61
CA GLN A 1118 -21.18 -14.76 13.04
C GLN A 1118 -20.95 -13.29 13.37
N GLU A 1119 -20.21 -12.58 12.54
CA GLU A 1119 -20.03 -11.13 12.67
C GLU A 1119 -20.04 -10.50 11.29
N PRO A 1120 -21.17 -9.92 10.89
CA PRO A 1120 -21.28 -9.42 9.51
C PRO A 1120 -20.33 -8.27 9.21
N ILE A 1121 -19.89 -8.22 7.96
CA ILE A 1121 -19.03 -7.15 7.47
C ILE A 1121 -19.67 -6.55 6.23
N LEU A 1122 -19.78 -5.23 6.21
CA LEU A 1122 -20.33 -4.49 5.08
C LEU A 1122 -19.18 -3.81 4.33
N PHE A 1123 -19.54 -2.97 3.37
CA PHE A 1123 -18.58 -2.25 2.56
C PHE A 1123 -18.85 -0.75 2.61
N ASP A 1124 -17.89 0.02 2.12
CA ASP A 1124 -17.96 1.49 2.13
C ASP A 1124 -18.77 1.95 0.92
N CYS A 1125 -20.09 1.88 1.04
CA CYS A 1125 -20.99 2.31 -0.03
C CYS A 1125 -22.38 2.51 0.59
N SER A 1126 -23.36 2.79 -0.26
CA SER A 1126 -24.71 3.05 0.21
C SER A 1126 -25.35 1.77 0.72
N ILE A 1127 -26.43 1.93 1.48
CA ILE A 1127 -27.17 0.78 1.98
C ILE A 1127 -27.82 0.02 0.82
N ALA A 1128 -28.28 0.74 -0.21
CA ALA A 1128 -28.92 0.07 -1.34
C ALA A 1128 -27.96 -0.90 -2.01
N GLU A 1129 -26.72 -0.49 -2.25
CA GLU A 1129 -25.79 -1.39 -2.90
C GLU A 1129 -25.42 -2.54 -1.97
N ASN A 1130 -25.38 -2.28 -0.66
CA ASN A 1130 -25.09 -3.34 0.31
C ASN A 1130 -26.18 -4.41 0.31
N ILE A 1131 -27.45 -4.00 0.22
CA ILE A 1131 -28.53 -4.98 0.15
C ILE A 1131 -28.51 -5.68 -1.20
N ALA A 1132 -28.29 -4.94 -2.29
CA ALA A 1132 -28.30 -5.53 -3.62
C ALA A 1132 -27.13 -6.47 -3.85
N TYR A 1133 -26.08 -6.38 -3.03
CA TYR A 1133 -24.92 -7.24 -3.20
C TYR A 1133 -25.24 -8.71 -2.96
N GLY A 1134 -26.38 -9.03 -2.35
CA GLY A 1134 -26.72 -10.42 -2.09
C GLY A 1134 -26.84 -11.26 -3.35
N ASP A 1135 -27.51 -10.72 -4.37
CA ASP A 1135 -27.72 -11.42 -5.64
C ASP A 1135 -26.91 -10.74 -6.72
N ASN A 1136 -25.84 -11.39 -7.17
CA ASN A 1136 -25.02 -10.91 -8.25
C ASN A 1136 -25.48 -11.56 -9.56
N SER A 1137 -24.80 -11.21 -10.65
CA SER A 1137 -25.15 -11.67 -12.00
C SER A 1137 -26.58 -11.32 -12.35
N ARG A 1138 -27.07 -10.19 -11.81
CA ARG A 1138 -28.44 -9.75 -11.99
C ARG A 1138 -28.55 -8.33 -11.44
N VAL A 1139 -29.38 -7.52 -12.08
CA VAL A 1139 -29.66 -6.17 -11.61
C VAL A 1139 -30.88 -6.27 -10.69
N VAL A 1140 -30.66 -6.03 -9.41
CA VAL A 1140 -31.73 -6.15 -8.42
C VAL A 1140 -32.57 -4.88 -8.44
N SER A 1141 -33.87 -5.03 -8.65
CA SER A 1141 -34.77 -3.88 -8.70
C SER A 1141 -34.90 -3.25 -7.32
N GLN A 1142 -35.18 -1.94 -7.30
CA GLN A 1142 -35.35 -1.24 -6.04
C GLN A 1142 -36.54 -1.78 -5.24
N GLU A 1143 -37.57 -2.25 -5.93
CA GLU A 1143 -38.73 -2.80 -5.24
C GLU A 1143 -38.34 -4.03 -4.42
N GLU A 1144 -37.51 -4.91 -4.99
CA GLU A 1144 -37.07 -6.08 -4.25
C GLU A 1144 -36.23 -5.68 -3.04
N ILE A 1145 -35.39 -4.65 -3.19
CA ILE A 1145 -34.57 -4.18 -2.08
C ILE A 1145 -35.47 -3.67 -0.95
N VAL A 1146 -36.49 -2.88 -1.30
CA VAL A 1146 -37.40 -2.35 -0.30
C VAL A 1146 -38.17 -3.48 0.38
N ARG A 1147 -38.59 -4.48 -0.39
CA ARG A 1147 -39.30 -5.60 0.19
C ARG A 1147 -38.41 -6.38 1.17
N ALA A 1148 -37.15 -6.60 0.81
CA ALA A 1148 -36.24 -7.29 1.73
C ALA A 1148 -35.99 -6.46 2.98
N ALA A 1149 -35.84 -5.14 2.82
CA ALA A 1149 -35.66 -4.29 3.99
C ALA A 1149 -36.86 -4.34 4.92
N LYS A 1150 -38.07 -4.33 4.35
CA LYS A 1150 -39.27 -4.47 5.16
C LYS A 1150 -39.32 -5.82 5.86
N GLU A 1151 -38.91 -6.88 5.15
CA GLU A 1151 -38.88 -8.21 5.75
C GLU A 1151 -37.86 -8.31 6.87
N ALA A 1152 -36.81 -7.49 6.84
CA ALA A 1152 -35.81 -7.46 7.90
C ALA A 1152 -36.12 -6.43 8.97
N ASN A 1153 -37.23 -5.70 8.86
CA ASN A 1153 -37.67 -4.72 9.86
C ASN A 1153 -36.64 -3.60 10.04
N ILE A 1154 -36.13 -3.07 8.93
CA ILE A 1154 -35.18 -1.96 8.99
C ILE A 1154 -35.63 -0.88 8.01
N HIS A 1155 -36.76 -1.10 7.35
CA HIS A 1155 -37.24 -0.13 6.37
C HIS A 1155 -37.60 1.20 7.04
N ALA A 1156 -38.23 1.15 8.21
CA ALA A 1156 -38.65 2.38 8.88
C ALA A 1156 -37.44 3.22 9.28
N PHE A 1157 -36.42 2.59 9.85
CA PHE A 1157 -35.22 3.32 10.25
C PHE A 1157 -34.52 3.92 9.04
N ILE A 1158 -34.42 3.15 7.95
CA ILE A 1158 -33.76 3.64 6.75
C ILE A 1158 -34.52 4.85 6.19
N GLU A 1159 -35.85 4.77 6.15
CA GLU A 1159 -36.63 5.87 5.59
C GLU A 1159 -36.55 7.10 6.49
N SER A 1160 -36.50 6.92 7.81
CA SER A 1160 -36.34 8.05 8.70
C SER A 1160 -34.98 8.72 8.56
N LEU A 1161 -34.02 8.04 7.93
CA LEU A 1161 -32.67 8.56 7.77
C LEU A 1161 -32.63 9.49 6.57
N PRO A 1162 -32.10 10.70 6.70
CA PRO A 1162 -31.92 11.56 5.51
C PRO A 1162 -30.98 10.88 4.53
N ASN A 1163 -31.22 11.11 3.24
CA ASN A 1163 -30.58 10.35 2.16
C ASN A 1163 -30.87 8.86 2.35
N LYS A 1164 -32.16 8.54 2.20
CA LYS A 1164 -32.74 7.27 2.65
C LYS A 1164 -31.87 6.07 2.36
N TYR A 1165 -31.62 5.78 1.08
CA TYR A 1165 -30.85 4.62 0.68
C TYR A 1165 -29.48 4.95 0.12
N SER A 1166 -29.07 6.21 0.16
CA SER A 1166 -27.77 6.62 -0.35
C SER A 1166 -26.75 6.93 0.73
N THR A 1167 -27.10 6.74 2.00
CA THR A 1167 -26.13 6.95 3.07
C THR A 1167 -25.07 5.87 3.04
N LYS A 1168 -23.81 6.30 3.08
CA LYS A 1168 -22.68 5.38 3.02
C LYS A 1168 -22.45 4.77 4.40
N VAL A 1169 -22.29 3.45 4.43
CA VAL A 1169 -21.89 2.75 5.64
C VAL A 1169 -20.37 2.73 5.70
N GLY A 1170 -19.82 2.93 6.89
CA GLY A 1170 -18.38 3.10 7.03
C GLY A 1170 -17.62 1.81 6.83
N ASP A 1171 -16.31 1.91 7.04
CA ASP A 1171 -15.41 0.78 6.85
C ASP A 1171 -15.85 -0.39 7.72
N LYS A 1172 -16.15 -1.51 7.09
CA LYS A 1172 -16.64 -2.73 7.75
C LYS A 1172 -17.94 -2.49 8.51
N GLY A 1173 -18.69 -1.46 8.15
CA GLY A 1173 -19.96 -1.18 8.80
C GLY A 1173 -19.84 -0.60 10.19
N THR A 1174 -19.20 0.57 10.32
CA THR A 1174 -19.05 1.22 11.61
C THR A 1174 -19.92 2.46 11.76
N GLN A 1175 -20.54 2.95 10.69
CA GLN A 1175 -21.45 4.06 10.87
C GLN A 1175 -22.82 3.62 11.32
N LEU A 1176 -22.99 2.36 11.72
CA LEU A 1176 -24.27 1.86 12.21
C LEU A 1176 -24.03 1.04 13.47
N SER A 1177 -25.10 0.89 14.27
CA SER A 1177 -25.02 0.07 15.47
C SER A 1177 -24.92 -1.41 15.09
N GLY A 1178 -24.71 -2.24 16.11
CA GLY A 1178 -24.61 -3.67 15.86
C GLY A 1178 -25.90 -4.27 15.35
N GLY A 1179 -27.03 -3.92 16.00
CA GLY A 1179 -28.31 -4.46 15.57
C GLY A 1179 -28.70 -3.99 14.18
N GLN A 1180 -28.45 -2.72 13.87
CA GLN A 1180 -28.83 -2.20 12.56
C GLN A 1180 -28.07 -2.90 11.45
N LYS A 1181 -26.76 -3.08 11.60
CA LYS A 1181 -26.03 -3.73 10.53
C LYS A 1181 -26.26 -5.24 10.51
N GLN A 1182 -26.60 -5.85 11.64
CA GLN A 1182 -27.03 -7.25 11.58
C GLN A 1182 -28.33 -7.39 10.80
N ARG A 1183 -29.27 -6.47 11.01
CA ARG A 1183 -30.51 -6.49 10.24
C ARG A 1183 -30.22 -6.27 8.75
N ILE A 1184 -29.29 -5.37 8.43
CA ILE A 1184 -28.93 -5.14 7.04
C ILE A 1184 -28.30 -6.39 6.43
N ALA A 1185 -27.49 -7.11 7.21
CA ALA A 1185 -26.92 -8.36 6.73
C ALA A 1185 -28.01 -9.40 6.47
N ILE A 1186 -29.00 -9.48 7.35
CA ILE A 1186 -30.11 -10.41 7.14
C ILE A 1186 -30.87 -10.06 5.86
N ALA A 1187 -31.13 -8.76 5.66
CA ALA A 1187 -31.81 -8.33 4.44
C ALA A 1187 -30.99 -8.66 3.20
N ARG A 1188 -29.68 -8.49 3.27
CA ARG A 1188 -28.81 -8.85 2.16
C ARG A 1188 -28.88 -10.34 1.87
N ALA A 1189 -28.95 -11.16 2.91
CA ALA A 1189 -29.05 -12.61 2.70
C ALA A 1189 -30.42 -13.02 2.17
N LEU A 1190 -31.48 -12.27 2.47
CA LEU A 1190 -32.83 -12.64 2.05
C LEU A 1190 -33.18 -12.16 0.65
N VAL A 1191 -32.34 -11.34 0.02
CA VAL A 1191 -32.63 -10.88 -1.34
C VAL A 1191 -32.57 -12.04 -2.32
N ARG A 1192 -31.64 -12.97 -2.13
CA ARG A 1192 -31.47 -14.07 -3.07
C ARG A 1192 -32.70 -14.96 -3.12
N GLN A 1193 -33.53 -14.95 -2.08
CA GLN A 1193 -34.54 -15.97 -1.86
C GLN A 1193 -33.91 -17.35 -1.93
N PRO A 1194 -32.92 -17.64 -1.09
CA PRO A 1194 -32.12 -18.85 -1.27
C PRO A 1194 -32.91 -20.11 -0.99
N HIS A 1195 -32.52 -21.19 -1.68
CA HIS A 1195 -33.09 -22.50 -1.39
C HIS A 1195 -32.54 -23.09 -0.10
N ILE A 1196 -31.34 -22.70 0.31
CA ILE A 1196 -30.76 -23.12 1.58
C ILE A 1196 -30.29 -21.88 2.32
N LEU A 1197 -30.68 -21.75 3.58
CA LEU A 1197 -30.35 -20.60 4.41
C LEU A 1197 -29.52 -21.08 5.59
N LEU A 1198 -28.47 -20.34 5.91
CA LEU A 1198 -27.55 -20.70 6.98
C LEU A 1198 -27.44 -19.52 7.93
N LEU A 1199 -28.12 -19.59 9.07
CA LEU A 1199 -28.12 -18.53 10.06
C LEU A 1199 -27.13 -18.89 11.17
N ASP A 1200 -26.22 -17.97 11.46
CA ASP A 1200 -25.19 -18.16 12.48
C ASP A 1200 -25.27 -17.01 13.47
N GLU A 1201 -26.05 -17.20 14.53
CA GLU A 1201 -26.26 -16.14 15.55
C GLU A 1201 -26.81 -14.89 14.88
N ALA A 1202 -27.77 -15.05 13.96
CA ALA A 1202 -28.32 -13.90 13.25
C ALA A 1202 -29.12 -13.00 14.18
N THR A 1203 -29.62 -13.53 15.29
CA THR A 1203 -30.42 -12.77 16.24
C THR A 1203 -29.67 -12.54 17.56
N SER A 1204 -28.34 -12.48 17.50
CA SER A 1204 -27.57 -12.30 18.73
C SER A 1204 -27.80 -10.92 19.33
N ALA A 1205 -27.73 -9.87 18.51
CA ALA A 1205 -27.90 -8.49 18.98
C ALA A 1205 -29.10 -7.91 18.26
N LEU A 1206 -30.29 -8.16 18.79
CA LEU A 1206 -31.52 -7.67 18.21
C LEU A 1206 -32.53 -7.40 19.30
N ASP A 1207 -33.32 -6.34 19.13
CA ASP A 1207 -34.39 -6.05 20.06
C ASP A 1207 -35.48 -7.10 19.97
N THR A 1208 -36.29 -7.19 21.02
CA THR A 1208 -37.36 -8.18 21.05
C THR A 1208 -38.44 -7.93 19.99
N GLU A 1209 -38.52 -6.71 19.47
CA GLU A 1209 -39.51 -6.41 18.45
C GLU A 1209 -38.99 -6.76 17.06
N SER A 1210 -37.78 -6.32 16.74
CA SER A 1210 -37.15 -6.73 15.49
C SER A 1210 -37.00 -8.24 15.44
N GLU A 1211 -36.69 -8.86 16.58
CA GLU A 1211 -36.59 -10.32 16.64
C GLU A 1211 -37.91 -10.98 16.28
N LYS A 1212 -39.02 -10.48 16.85
CA LYS A 1212 -40.31 -11.09 16.55
C LYS A 1212 -40.68 -10.90 15.08
N VAL A 1213 -40.40 -9.73 14.52
CA VAL A 1213 -40.73 -9.48 13.12
C VAL A 1213 -39.92 -10.40 12.20
N VAL A 1214 -38.61 -10.51 12.44
CA VAL A 1214 -37.77 -11.35 11.60
C VAL A 1214 -38.15 -12.81 11.74
N GLN A 1215 -38.46 -13.25 12.97
CA GLN A 1215 -38.85 -14.63 13.17
C GLN A 1215 -40.16 -14.96 12.47
N GLU A 1216 -41.14 -14.05 12.51
CA GLU A 1216 -42.39 -14.28 11.81
C GLU A 1216 -42.18 -14.30 10.30
N ALA A 1217 -41.27 -13.44 9.80
CA ALA A 1217 -40.98 -13.43 8.37
C ALA A 1217 -40.34 -14.73 7.93
N LEU A 1218 -39.40 -15.26 8.72
CA LEU A 1218 -38.76 -16.52 8.36
C LEU A 1218 -39.73 -17.70 8.50
N ASP A 1219 -40.62 -17.64 9.48
CA ASP A 1219 -41.58 -18.73 9.68
C ASP A 1219 -42.63 -18.75 8.58
N LYS A 1220 -43.00 -17.58 8.05
CA LYS A 1220 -44.02 -17.53 7.01
C LYS A 1220 -43.58 -18.27 5.77
N ALA A 1221 -42.32 -18.11 5.35
CA ALA A 1221 -41.79 -18.75 4.16
C ALA A 1221 -40.94 -19.97 4.49
N ARG A 1222 -41.15 -20.59 5.65
CA ARG A 1222 -40.34 -21.75 6.03
C ARG A 1222 -40.53 -22.90 5.04
N GLU A 1223 -41.77 -23.14 4.62
CA GLU A 1223 -42.04 -24.17 3.64
C GLU A 1223 -41.46 -23.78 2.28
N GLY A 1224 -40.85 -24.74 1.60
CA GLY A 1224 -40.31 -24.49 0.28
C GLY A 1224 -38.80 -24.40 0.25
N ARG A 1225 -38.20 -24.07 1.38
CA ARG A 1225 -36.75 -23.94 1.48
C ARG A 1225 -36.23 -24.76 2.66
N THR A 1226 -34.92 -24.75 2.83
CA THR A 1226 -34.22 -25.44 3.92
C THR A 1226 -33.47 -24.40 4.73
N CYS A 1227 -33.46 -24.57 6.05
CA CYS A 1227 -32.76 -23.62 6.91
C CYS A 1227 -32.00 -24.37 8.00
N ILE A 1228 -30.78 -23.90 8.27
CA ILE A 1228 -29.96 -24.41 9.36
C ILE A 1228 -29.56 -23.23 10.24
N VAL A 1229 -29.92 -23.29 11.51
CA VAL A 1229 -29.73 -22.19 12.44
C VAL A 1229 -28.78 -22.62 13.56
N ILE A 1230 -27.88 -21.73 13.93
CA ILE A 1230 -27.01 -21.90 15.09
C ILE A 1230 -27.30 -20.76 16.04
N ALA A 1231 -27.67 -21.07 17.28
CA ALA A 1231 -28.07 -20.04 18.22
C ALA A 1231 -27.90 -20.56 19.64
N HIS A 1232 -27.94 -19.62 20.59
CA HIS A 1232 -27.93 -19.92 22.02
C HIS A 1232 -29.25 -19.64 22.70
N ARG A 1233 -30.00 -18.63 22.26
CA ARG A 1233 -31.32 -18.34 22.81
C ARG A 1233 -32.26 -19.51 22.54
N LEU A 1234 -32.77 -20.13 23.61
CA LEU A 1234 -33.59 -21.32 23.45
C LEU A 1234 -34.97 -21.00 22.88
N SER A 1235 -35.41 -19.74 22.92
CA SER A 1235 -36.68 -19.39 22.32
C SER A 1235 -36.66 -19.59 20.81
N THR A 1236 -35.55 -19.21 20.16
CA THR A 1236 -35.42 -19.45 18.73
C THR A 1236 -35.33 -20.94 18.43
N ILE A 1237 -34.61 -21.69 19.25
CA ILE A 1237 -34.47 -23.12 19.07
C ILE A 1237 -35.79 -23.85 19.34
N GLN A 1238 -36.72 -23.21 20.05
CA GLN A 1238 -38.02 -23.82 20.31
C GLN A 1238 -38.78 -24.12 19.02
N ASN A 1239 -38.73 -23.20 18.06
CA ASN A 1239 -39.45 -23.39 16.79
C ASN A 1239 -38.72 -24.27 15.80
N ALA A 1240 -37.49 -24.69 16.11
CA ALA A 1240 -36.73 -25.53 15.19
C ALA A 1240 -37.38 -26.91 15.07
N ASP A 1241 -37.39 -27.44 13.85
CA ASP A 1241 -38.00 -28.74 13.61
C ASP A 1241 -37.22 -29.85 14.31
N LEU A 1242 -35.89 -29.81 14.26
CA LEU A 1242 -35.07 -30.79 14.95
C LEU A 1242 -33.81 -30.12 15.48
N ILE A 1243 -33.20 -30.75 16.47
CA ILE A 1243 -32.06 -30.18 17.20
C ILE A 1243 -30.94 -31.21 17.23
N VAL A 1244 -29.72 -30.74 16.94
CA VAL A 1244 -28.52 -31.56 16.99
C VAL A 1244 -27.56 -31.00 18.03
N VAL A 1245 -27.12 -31.87 18.94
CA VAL A 1245 -26.25 -31.47 20.04
C VAL A 1245 -24.85 -31.99 19.78
N PHE A 1246 -23.86 -31.11 19.92
CA PHE A 1246 -22.48 -31.46 19.66
C PHE A 1246 -21.79 -31.92 20.94
N GLN A 1247 -20.76 -32.74 20.77
CA GLN A 1247 -19.93 -33.17 21.90
C GLN A 1247 -18.59 -33.59 21.31
N ASN A 1248 -17.54 -32.80 21.59
CA ASN A 1248 -16.19 -32.93 21.03
C ASN A 1248 -16.20 -33.35 19.56
N GLY A 1249 -17.05 -32.69 18.77
CA GLY A 1249 -17.11 -32.93 17.35
C GLY A 1249 -18.22 -33.87 16.93
N ARG A 1250 -18.42 -34.94 17.70
CA ARG A 1250 -19.48 -35.89 17.42
C ARG A 1250 -20.85 -35.25 17.64
N VAL A 1251 -21.86 -35.87 17.05
CA VAL A 1251 -23.25 -35.50 17.27
C VAL A 1251 -23.85 -36.53 18.21
N LYS A 1252 -24.28 -36.10 19.40
CA LYS A 1252 -24.73 -37.04 20.41
C LYS A 1252 -26.23 -37.09 20.58
N GLU A 1253 -26.94 -35.99 20.30
CA GLU A 1253 -28.39 -35.95 20.41
C GLU A 1253 -28.99 -35.39 19.13
N HIS A 1254 -30.05 -36.02 18.65
CA HIS A 1254 -30.72 -35.59 17.44
C HIS A 1254 -32.16 -36.09 17.47
N GLY A 1255 -33.09 -35.22 17.09
CA GLY A 1255 -34.49 -35.54 17.07
C GLY A 1255 -35.32 -34.28 17.20
N THR A 1256 -36.62 -34.48 17.37
CA THR A 1256 -37.54 -33.36 17.49
C THR A 1256 -37.38 -32.67 18.85
N HIS A 1257 -38.08 -31.55 19.01
CA HIS A 1257 -38.03 -30.82 20.27
C HIS A 1257 -38.59 -31.66 21.42
N GLN A 1258 -39.70 -32.35 21.19
CA GLN A 1258 -40.33 -33.13 22.26
C GLN A 1258 -39.48 -34.36 22.63
N GLN A 1259 -38.92 -35.04 21.62
CA GLN A 1259 -38.12 -36.23 21.90
C GLN A 1259 -36.89 -35.89 22.73
N LEU A 1260 -36.21 -34.79 22.39
CA LEU A 1260 -35.06 -34.36 23.17
C LEU A 1260 -35.48 -33.73 24.50
N LEU A 1261 -36.70 -33.21 24.59
CA LEU A 1261 -37.22 -32.78 25.89
C LEU A 1261 -37.39 -33.96 26.83
N ALA A 1262 -37.90 -35.08 26.30
CA ALA A 1262 -38.02 -36.29 27.11
C ALA A 1262 -36.66 -36.82 27.53
N GLN A 1263 -35.69 -36.82 26.61
CA GLN A 1263 -34.32 -37.26 26.91
C GLN A 1263 -33.62 -36.13 27.66
N LYS A 1264 -33.64 -36.23 29.00
CA LYS A 1264 -33.11 -35.17 29.85
C LYS A 1264 -31.58 -35.19 29.78
N GLY A 1265 -31.07 -34.55 28.73
CA GLY A 1265 -29.63 -34.47 28.52
C GLY A 1265 -29.07 -33.07 28.67
N ILE A 1266 -28.20 -32.67 27.74
CA ILE A 1266 -27.60 -31.35 27.79
C ILE A 1266 -28.63 -30.26 27.51
N TYR A 1267 -29.55 -30.52 26.56
CA TYR A 1267 -30.58 -29.54 26.26
C TYR A 1267 -31.48 -29.30 27.46
N PHE A 1268 -31.79 -30.35 28.21
CA PHE A 1268 -32.53 -30.19 29.45
C PHE A 1268 -31.75 -29.35 30.46
N SER A 1269 -30.43 -29.54 30.51
CA SER A 1269 -29.59 -28.74 31.40
C SER A 1269 -29.63 -27.27 31.02
N MET A 1270 -29.59 -26.98 29.72
CA MET A 1270 -29.65 -25.59 29.26
C MET A 1270 -31.02 -24.97 29.42
N VAL A 1271 -32.09 -25.78 29.39
CA VAL A 1271 -33.43 -25.23 29.55
C VAL A 1271 -33.83 -25.09 31.02
N SER A 1272 -33.20 -25.86 31.91
CA SER A 1272 -33.51 -25.74 33.33
C SER A 1272 -32.86 -24.52 33.96
N VAL A 1273 -31.82 -23.96 33.33
CA VAL A 1273 -31.12 -22.82 33.91
C VAL A 1273 -31.78 -21.49 33.53
N GLN A 1274 -32.60 -21.47 32.49
CA GLN A 1274 -33.27 -20.25 32.05
C GLN A 1274 -34.62 -20.04 32.74
N ALA A 1275 -34.83 -20.67 33.88
CA ALA A 1275 -36.07 -20.51 34.65
C ALA A 1275 -35.88 -19.49 35.75
N GLY A 1276 -36.82 -18.56 35.86
CA GLY A 1276 -36.76 -17.53 36.88
C GLY A 1276 -36.93 -18.05 38.29
#